data_2W04
#
_entry.id   2W04
#
_cell.length_a   80.371
_cell.length_b   94.959
_cell.length_c   160.261
_cell.angle_alpha   90.00
_cell.angle_beta   90.00
_cell.angle_gamma   90.00
#
_symmetry.space_group_name_H-M   'P 21 21 21'
#
loop_
_entity.id
_entity.type
_entity.pdbx_description
1 polymer ACSD
2 non-polymer 'CITRATE ANION'
3 water water
#
_entity_poly.entity_id   1
_entity_poly.type   'polypeptide(L)'
_entity_poly.pdbx_seq_one_letter_code
;MNNRNHDVLSRMISEKAALHGLLNCLIKEFAIPEGYLRYEWPDEMKGIPPGAYFDGADWKGIPMMIGLPDQLQLFVMVDR
RDTFGSQHYLSDVYLRQAQGDWQCPDFEPLVARLLAACEHIAGRKNPELYEQILQSQRLVSAIVSHNGRQRADAPLQHYL
QSEQGLWFGHPSHPAPKARLWPAHLGQEQWAPEFQARAALHQFEVPVDGLHIGANGLTPQQVLDGFADQQPASPGHAIIC
MHPVQAQLFMQDARVQQLLRDNVIRDLGQSGRVASPTASIRTWFIDDHDYFIKGSLNVRITNCVRKNAWYELESTVLIDR
LFRQLLDQHADTLGGLVAAAEPGVVSWSPAAAGELDSHWFREQTGGILRENFCRRTGAERSIMAGTLFARGVDLQPMIQT
FLRTHYGEALDDNALLYWFDDYQTRLLRPVLSLFFNHGVVMEPHLQNSVLVHQQGRPQQVLLRDFEGVKLTDDLGIRYID
DDIHPRVRQSLLYSREQGWNRIMYCLFINHLSETILALSQGRPQLAPLMWRRVQQQLRAIQGELKQPSPELDALIAGHPV
ACKTNLKVRLAAEADRQASYVRLPSPWGHAVQHGSEVQHDERRHGDVRHEEARHGEVQHG
;
_entity_poly.pdbx_strand_id   A,B
#
loop_
_chem_comp.id
_chem_comp.type
_chem_comp.name
_chem_comp.formula
FLC non-polymer 'CITRATE ANION' 'C6 H5 O7 -3'
#
# COMPACT_ATOMS: atom_id res chain seq x y z
N HIS A 6 19.66 -7.49 -6.27
CA HIS A 6 18.84 -8.70 -5.95
C HIS A 6 19.22 -9.35 -4.63
N ASP A 7 20.48 -9.21 -4.25
CA ASP A 7 20.93 -9.88 -3.06
C ASP A 7 20.49 -9.14 -1.79
N VAL A 8 20.65 -7.82 -1.82
CA VAL A 8 20.24 -6.92 -0.74
C VAL A 8 18.75 -7.11 -0.50
N LEU A 9 18.03 -7.21 -1.60
CA LEU A 9 16.59 -7.39 -1.56
C LEU A 9 16.24 -8.71 -0.86
N SER A 10 17.02 -9.74 -1.18
CA SER A 10 16.83 -11.04 -0.59
C SER A 10 17.17 -11.03 0.92
N ARG A 11 18.19 -10.27 1.30
CA ARG A 11 18.52 -10.15 2.70
C ARG A 11 17.36 -9.48 3.41
N MET A 12 16.73 -8.54 2.72
CA MET A 12 15.69 -7.73 3.33
C MET A 12 14.43 -8.55 3.54
N ILE A 13 14.13 -9.39 2.56
CA ILE A 13 12.97 -10.22 2.55
C ILE A 13 13.07 -11.17 3.74
N SER A 14 14.21 -11.84 3.83
CA SER A 14 14.48 -12.84 4.86
C SER A 14 14.39 -12.29 6.28
N GLU A 15 14.86 -11.06 6.45
CA GLU A 15 14.82 -10.41 7.74
C GLU A 15 13.40 -10.11 8.17
N LYS A 16 12.57 -9.67 7.22
CA LYS A 16 11.18 -9.38 7.55
C LYS A 16 10.44 -10.67 7.92
N ALA A 17 10.74 -11.74 7.20
CA ALA A 17 10.14 -13.03 7.43
C ALA A 17 10.47 -13.45 8.85
N ALA A 18 11.77 -13.41 9.16
CA ALA A 18 12.28 -13.91 10.42
C ALA A 18 11.70 -13.14 11.61
N LEU A 19 11.67 -11.82 11.50
CA LEU A 19 11.21 -11.01 12.59
C LEU A 19 9.70 -11.26 12.80
N HIS A 20 8.99 -11.46 11.70
CA HIS A 20 7.59 -11.78 11.74
C HIS A 20 7.32 -13.07 12.54
N GLY A 21 8.07 -14.12 12.23
CA GLY A 21 7.93 -15.38 12.92
C GLY A 21 8.23 -15.23 14.40
N LEU A 22 9.12 -14.30 14.72
CA LEU A 22 9.52 -14.08 16.09
C LEU A 22 8.43 -13.33 16.84
N LEU A 23 7.83 -12.37 16.14
CA LEU A 23 6.71 -11.64 16.69
C LEU A 23 5.57 -12.58 17.02
N ASN A 24 5.27 -13.45 16.09
CA ASN A 24 4.29 -14.49 16.31
C ASN A 24 4.50 -15.18 17.66
N CYS A 25 5.74 -15.67 17.87
CA CYS A 25 6.17 -16.27 19.13
C CYS A 25 5.98 -15.35 20.33
N LEU A 26 6.37 -14.10 20.16
CA LEU A 26 6.30 -13.17 21.26
C LEU A 26 4.85 -12.96 21.67
N ILE A 27 3.98 -12.80 20.66
CA ILE A 27 2.58 -12.41 20.86
C ILE A 27 1.76 -13.59 21.37
N LYS A 28 1.86 -14.72 20.66
CA LYS A 28 1.15 -15.94 21.07
C LYS A 28 1.63 -16.45 22.45
N GLU A 29 2.93 -16.50 22.66
CA GLU A 29 3.44 -17.19 23.83
C GLU A 29 3.54 -16.34 25.11
N PHE A 30 3.78 -15.03 24.98
CA PHE A 30 3.87 -14.17 26.18
C PHE A 30 2.83 -13.05 26.21
N ALA A 31 2.77 -12.27 25.13
CA ALA A 31 2.07 -11.01 25.20
C ALA A 31 0.59 -11.20 25.54
N ILE A 32 -0.10 -12.08 24.83
CA ILE A 32 -1.51 -12.37 25.09
C ILE A 32 -1.79 -13.16 26.40
N PRO A 33 -1.12 -14.31 26.63
CA PRO A 33 -1.42 -15.04 27.85
C PRO A 33 -1.19 -14.25 29.12
N GLU A 34 -0.23 -13.33 29.08
CA GLU A 34 0.19 -12.60 30.29
C GLU A 34 -0.25 -11.14 30.37
N GLY A 35 -1.03 -10.72 29.38
CA GLY A 35 -1.68 -9.43 29.38
C GLY A 35 -0.74 -8.28 29.12
N TYR A 36 0.31 -8.52 28.33
CA TYR A 36 1.25 -7.45 27.97
C TYR A 36 0.85 -6.68 26.70
N LEU A 37 -0.25 -7.07 26.05
CA LEU A 37 -0.61 -6.50 24.76
C LEU A 37 -1.76 -5.52 24.85
N ARG A 38 -1.57 -4.35 24.24
CA ARG A 38 -2.62 -3.33 24.10
C ARG A 38 -2.77 -2.94 22.63
N TYR A 39 -4.02 -2.73 22.20
CA TYR A 39 -4.28 -2.06 20.93
C TYR A 39 -4.53 -0.58 21.22
N GLU A 40 -3.44 0.19 21.28
CA GLU A 40 -3.45 1.63 21.54
C GLU A 40 -2.28 2.32 20.84
N TRP A 41 -2.34 3.65 20.76
CA TRP A 41 -1.21 4.43 20.25
C TRP A 41 -0.26 4.82 21.38
N PRO A 42 1.06 4.80 21.15
CA PRO A 42 1.98 5.34 22.16
C PRO A 42 1.66 6.78 22.59
N ASP A 43 2.13 7.16 23.77
CA ASP A 43 1.98 8.53 24.25
C ASP A 43 2.84 9.51 23.44
N GLU A 44 4.12 9.53 23.72
CA GLU A 44 5.09 10.13 22.82
C GLU A 44 5.20 9.21 21.60
N MET A 45 5.38 9.78 20.41
CA MET A 45 5.62 9.00 19.18
C MET A 45 6.93 9.35 18.50
N LYS A 46 7.70 10.30 19.06
CA LYS A 46 9.00 10.72 18.53
C LYS A 46 9.89 9.53 18.26
N GLY A 47 10.26 9.36 17.00
CA GLY A 47 11.10 8.26 16.59
C GLY A 47 10.48 7.45 15.47
N ILE A 48 9.16 7.53 15.34
CA ILE A 48 8.43 6.82 14.28
C ILE A 48 8.16 7.79 13.11
N PRO A 49 8.60 7.44 11.88
CA PRO A 49 8.26 8.33 10.76
C PRO A 49 6.77 8.14 10.37
N PRO A 50 6.08 9.24 10.00
CA PRO A 50 4.64 9.20 9.78
C PRO A 50 4.26 8.09 8.83
N GLY A 51 5.07 7.94 7.77
CA GLY A 51 4.90 6.90 6.75
C GLY A 51 4.82 5.47 7.23
N ALA A 52 5.09 5.22 8.51
CA ALA A 52 5.07 3.86 9.04
C ALA A 52 3.68 3.44 9.54
N TYR A 53 2.85 4.42 9.90
CA TYR A 53 1.53 4.11 10.45
C TYR A 53 0.44 4.86 9.70
N PHE A 54 0.87 5.73 8.78
CA PHE A 54 -0.05 6.55 8.01
C PHE A 54 0.22 6.53 6.49
N ASP A 55 -0.76 6.08 5.74
CA ASP A 55 -0.58 5.79 4.31
C ASP A 55 -0.96 6.93 3.37
N GLY A 56 -1.21 8.13 3.91
CA GLY A 56 -1.62 9.27 3.12
C GLY A 56 -3.10 9.50 3.35
N ALA A 57 -3.84 8.39 3.45
CA ALA A 57 -5.29 8.45 3.59
C ALA A 57 -5.74 8.06 5.00
N ASP A 58 -5.16 7.01 5.56
CA ASP A 58 -5.61 6.50 6.84
C ASP A 58 -4.45 5.94 7.62
N TRP A 59 -4.74 5.59 8.88
CA TRP A 59 -3.82 4.82 9.70
C TRP A 59 -3.64 3.48 9.00
N LYS A 60 -2.44 2.90 9.05
CA LYS A 60 -2.18 1.63 8.36
C LYS A 60 -2.65 0.44 9.21
N GLY A 61 -3.96 0.33 9.36
CA GLY A 61 -4.54 -0.65 10.27
C GLY A 61 -4.53 -0.17 11.70
N ILE A 62 -4.23 -1.07 12.63
CA ILE A 62 -4.38 -0.86 14.06
C ILE A 62 -3.00 -0.88 14.76
N PRO A 63 -2.77 0.03 15.75
CA PRO A 63 -1.53 0.05 16.52
C PRO A 63 -1.44 -1.07 17.56
N MET A 64 -0.33 -1.80 17.55
CA MET A 64 -0.07 -2.84 18.55
C MET A 64 1.03 -2.43 19.52
N MET A 65 0.69 -2.45 20.81
CA MET A 65 1.64 -2.13 21.87
C MET A 65 1.96 -3.39 22.66
N ILE A 66 3.25 -3.62 22.91
CA ILE A 66 3.69 -4.63 23.87
C ILE A 66 4.70 -4.01 24.87
N GLY A 67 4.23 -3.79 26.10
CA GLY A 67 5.11 -3.39 27.18
C GLY A 67 5.62 -4.64 27.87
N LEU A 68 6.94 -4.78 27.98
CA LEU A 68 7.54 -5.95 28.60
C LEU A 68 8.10 -5.56 29.95
N PRO A 69 8.05 -6.47 30.95
CA PRO A 69 8.32 -6.12 32.35
C PRO A 69 9.78 -5.70 32.66
N ASP A 70 10.63 -5.66 31.64
CA ASP A 70 11.93 -5.02 31.74
C ASP A 70 11.91 -3.59 31.17
N GLN A 71 10.70 -3.07 31.01
CA GLN A 71 10.44 -1.73 30.48
C GLN A 71 10.80 -1.50 29.01
N LEU A 72 10.88 -2.58 28.25
CA LEU A 72 10.99 -2.51 26.79
C LEU A 72 9.59 -2.43 26.17
N GLN A 73 9.44 -1.57 25.18
CA GLN A 73 8.14 -1.43 24.52
C GLN A 73 8.27 -1.66 23.03
N LEU A 74 7.28 -2.35 22.47
CA LEU A 74 7.30 -2.70 21.07
C LEU A 74 6.06 -2.11 20.45
N PHE A 75 6.22 -1.62 19.23
CA PHE A 75 5.12 -1.00 18.48
C PHE A 75 5.11 -1.48 17.03
N VAL A 76 3.97 -1.99 16.58
CA VAL A 76 3.86 -2.43 15.21
C VAL A 76 2.44 -2.18 14.78
N MET A 77 2.26 -1.86 13.49
CA MET A 77 0.96 -1.74 12.89
C MET A 77 0.51 -3.11 12.39
N VAL A 78 -0.72 -3.47 12.74
CA VAL A 78 -1.28 -4.75 12.37
C VAL A 78 -2.61 -4.54 11.61
N ASP A 79 -2.98 -5.51 10.77
CA ASP A 79 -4.23 -5.44 10.02
C ASP A 79 -5.51 -5.78 10.83
N ARG A 80 -5.35 -6.43 11.98
CA ARG A 80 -6.51 -7.00 12.70
C ARG A 80 -6.25 -7.29 14.15
N ARG A 81 -7.32 -7.33 14.94
CA ARG A 81 -7.30 -7.76 16.35
C ARG A 81 -7.52 -9.27 16.40
N ASP A 82 -6.54 -10.07 16.82
CA ASP A 82 -6.73 -11.52 16.70
C ASP A 82 -6.36 -12.28 17.95
N THR A 83 -7.30 -13.08 18.44
CA THR A 83 -7.13 -13.74 19.75
C THR A 83 -6.14 -14.89 19.70
N PHE A 84 -5.86 -15.42 18.51
CA PHE A 84 -4.77 -16.37 18.38
C PHE A 84 -3.53 -15.65 17.88
N GLY A 85 -3.58 -14.34 17.83
CA GLY A 85 -2.39 -13.60 17.47
C GLY A 85 -1.97 -13.87 16.03
N SER A 86 -2.94 -13.86 15.13
CA SER A 86 -2.69 -14.01 13.72
C SER A 86 -3.06 -12.72 13.05
N GLN A 87 -2.06 -12.00 12.57
CA GLN A 87 -2.29 -10.78 11.82
C GLN A 87 -1.09 -10.44 10.98
N HIS A 88 -1.32 -9.66 9.93
CA HIS A 88 -0.24 -9.16 9.13
C HIS A 88 0.37 -7.93 9.81
N TYR A 89 1.69 -7.86 9.74
CA TYR A 89 2.41 -6.73 10.27
C TYR A 89 2.59 -5.70 9.14
N LEU A 90 2.09 -4.49 9.36
CA LEU A 90 2.02 -3.51 8.29
C LEU A 90 3.10 -2.45 8.35
N SER A 91 3.95 -2.52 9.38
CA SER A 91 5.08 -1.59 9.55
C SER A 91 6.31 -2.35 9.99
N ASP A 92 7.45 -1.69 9.96
CA ASP A 92 8.62 -2.24 10.63
C ASP A 92 8.39 -2.11 12.12
N VAL A 93 9.34 -2.62 12.92
CA VAL A 93 9.15 -2.73 14.38
C VAL A 93 9.95 -1.65 15.11
N TYR A 94 9.27 -0.93 15.99
CA TYR A 94 9.92 0.10 16.77
C TYR A 94 10.05 -0.29 18.26
N LEU A 95 11.19 0.06 18.84
CA LEU A 95 11.49 -0.20 20.25
C LEU A 95 11.80 1.09 20.99
N ARG A 96 11.55 1.05 22.29
CA ARG A 96 11.69 2.21 23.17
C ARG A 96 12.02 1.76 24.60
N GLN A 97 12.75 2.60 25.34
CA GLN A 97 13.21 2.23 26.68
C GLN A 97 13.10 3.34 27.76
N ALA A 98 14.18 4.10 27.97
CA ALA A 98 14.32 4.97 29.15
C ALA A 98 13.36 6.18 29.20
N GLY A 100 11.98 6.86 26.71
CA GLY A 100 11.65 7.75 25.60
C GLY A 100 12.50 7.56 24.36
N ASP A 101 11.89 7.81 23.19
CA ASP A 101 12.54 7.75 21.84
C ASP A 101 12.53 6.38 21.13
N TRP A 102 11.61 6.24 20.16
CA TRP A 102 11.53 5.03 19.34
C TRP A 102 12.70 4.90 18.37
N GLN A 103 13.11 3.65 18.14
CA GLN A 103 14.19 3.35 17.24
C GLN A 103 13.74 2.20 16.39
N CYS A 104 14.29 2.12 15.18
CA CYS A 104 14.14 0.95 14.34
C CYS A 104 15.52 0.34 14.16
N PRO A 105 15.88 -0.64 15.02
CA PRO A 105 17.20 -1.27 14.99
C PRO A 105 17.35 -2.23 13.79
N ASP A 106 18.57 -2.45 13.32
CA ASP A 106 18.80 -3.46 12.29
C ASP A 106 18.35 -4.82 12.79
N PHE A 107 18.22 -5.77 11.87
CA PHE A 107 17.77 -7.10 12.23
C PHE A 107 18.47 -7.62 13.48
N GLU A 108 19.80 -7.76 13.40
CA GLU A 108 20.57 -8.43 14.45
C GLU A 108 20.39 -7.79 15.84
N PRO A 109 20.59 -6.46 15.96
CA PRO A 109 20.30 -5.81 17.22
C PRO A 109 18.86 -5.98 17.67
N LEU A 110 17.92 -6.07 16.72
CA LEU A 110 16.50 -6.21 17.07
C LEU A 110 16.22 -7.55 17.73
N VAL A 111 16.40 -8.64 16.98
CA VAL A 111 16.40 -9.99 17.56
C VAL A 111 17.01 -10.05 18.96
N ALA A 112 18.23 -9.53 19.10
CA ALA A 112 18.97 -9.63 20.37
C ALA A 112 18.13 -9.09 21.51
N ARG A 113 17.67 -7.84 21.39
CA ARG A 113 16.86 -7.18 22.40
C ARG A 113 15.50 -7.85 22.65
N LEU A 114 14.83 -8.28 21.58
CA LEU A 114 13.56 -8.95 21.70
C LEU A 114 13.74 -10.24 22.53
N LEU A 115 14.89 -10.88 22.35
CA LEU A 115 15.17 -12.12 23.02
C LEU A 115 15.43 -11.81 24.48
N ALA A 116 16.22 -10.76 24.70
CA ALA A 116 16.54 -10.30 26.04
C ALA A 116 15.26 -10.01 26.81
N ALA A 117 14.20 -9.70 26.09
CA ALA A 117 12.95 -9.40 26.71
C ALA A 117 12.33 -10.71 27.24
N CYS A 118 12.24 -11.70 26.38
CA CYS A 118 11.69 -12.99 26.74
C CYS A 118 12.54 -13.64 27.81
N GLU A 119 13.84 -13.65 27.62
CA GLU A 119 14.78 -14.15 28.61
C GLU A 119 14.50 -13.56 29.99
N HIS A 120 14.05 -12.32 30.01
CA HIS A 120 13.75 -11.66 31.28
C HIS A 120 12.47 -12.15 31.89
N ILE A 121 11.41 -12.29 31.11
CA ILE A 121 10.16 -12.81 31.65
C ILE A 121 10.39 -14.24 32.15
N ALA A 122 10.96 -15.07 31.27
CA ALA A 122 11.28 -16.46 31.59
C ALA A 122 12.28 -16.61 32.73
N GLY A 123 13.09 -15.57 32.97
CA GLY A 123 14.12 -15.63 34.00
C GLY A 123 15.32 -16.47 33.60
N ARG A 124 15.42 -16.84 32.33
CA ARG A 124 16.44 -17.78 31.88
C ARG A 124 16.95 -17.47 30.46
N LYS A 125 18.24 -17.73 30.24
CA LYS A 125 18.93 -17.34 29.02
C LYS A 125 19.21 -18.52 28.11
N ASN A 126 19.19 -18.24 26.79
CA ASN A 126 19.79 -19.14 25.81
C ASN A 126 20.48 -18.43 24.61
N PRO A 127 21.82 -18.31 24.68
CA PRO A 127 22.59 -17.64 23.61
C PRO A 127 22.80 -18.63 22.47
N GLU A 128 22.58 -19.92 22.78
CA GLU A 128 22.48 -20.94 21.76
C GLU A 128 21.34 -20.58 20.83
N LEU A 129 20.24 -20.11 21.41
CA LEU A 129 19.04 -19.77 20.67
C LEU A 129 19.27 -18.62 19.70
N TYR A 130 19.85 -17.53 20.21
CA TYR A 130 20.21 -16.34 19.40
C TYR A 130 20.98 -16.71 18.15
N GLU A 131 21.97 -17.58 18.33
CA GLU A 131 22.78 -18.07 17.24
C GLU A 131 21.93 -18.75 16.19
N GLN A 132 21.03 -19.62 16.64
CA GLN A 132 20.12 -20.38 15.78
C GLN A 132 19.17 -19.48 15.03
N ILE A 133 18.72 -18.42 15.70
CA ILE A 133 17.89 -17.40 15.09
C ILE A 133 18.64 -16.79 13.92
N LEU A 134 19.85 -16.33 14.18
CA LEU A 134 20.74 -15.81 13.14
C LEU A 134 21.01 -16.79 12.00
N GLN A 135 21.27 -18.04 12.32
CA GLN A 135 21.66 -18.99 11.29
C GLN A 135 20.46 -19.32 10.41
N SER A 136 19.28 -19.38 11.02
CA SER A 136 18.02 -19.65 10.34
C SER A 136 17.78 -18.59 9.27
N GLN A 137 17.77 -17.35 9.69
CA GLN A 137 17.57 -16.21 8.81
C GLN A 137 18.61 -16.09 7.66
N ARG A 138 19.87 -16.41 7.93
CA ARG A 138 20.90 -16.35 6.88
C ARG A 138 20.75 -17.43 5.83
N LEU A 139 20.13 -18.55 6.23
CA LEU A 139 19.71 -19.60 5.32
C LEU A 139 18.54 -19.12 4.46
N VAL A 140 17.56 -18.44 5.08
CA VAL A 140 16.38 -17.91 4.37
C VAL A 140 16.81 -16.88 3.34
N SER A 141 17.89 -16.18 3.66
CA SER A 141 18.53 -15.25 2.74
C SER A 141 19.10 -16.01 1.53
N ALA A 142 19.85 -17.09 1.79
CA ALA A 142 20.32 -17.93 0.71
C ALA A 142 19.14 -18.44 -0.11
N ILE A 143 18.11 -18.94 0.58
CA ILE A 143 16.97 -19.55 -0.09
C ILE A 143 16.24 -18.58 -1.03
N VAL A 144 15.87 -17.42 -0.51
CA VAL A 144 15.22 -16.41 -1.30
C VAL A 144 16.09 -15.95 -2.47
N SER A 145 17.41 -15.90 -2.29
CA SER A 145 18.28 -15.47 -3.38
C SER A 145 18.38 -16.50 -4.47
N HIS A 146 18.22 -17.77 -4.11
CA HIS A 146 18.23 -18.87 -5.07
C HIS A 146 16.93 -18.91 -5.89
N ASN A 147 15.80 -18.78 -5.19
CA ASN A 147 14.49 -19.00 -5.81
C ASN A 147 13.79 -17.69 -6.15
N GLY A 148 14.51 -16.58 -6.00
CA GLY A 148 13.93 -15.25 -6.07
C GLY A 148 13.51 -14.82 -7.46
N ARG A 149 13.98 -15.55 -8.49
CA ARG A 149 13.67 -15.25 -9.89
C ARG A 149 12.32 -15.82 -10.32
N GLN A 150 11.95 -16.96 -9.75
CA GLN A 150 10.70 -17.67 -10.11
C GLN A 150 9.39 -16.89 -9.92
N ARG A 151 8.35 -17.31 -10.64
CA ARG A 151 6.98 -16.89 -10.37
C ARG A 151 6.70 -17.16 -8.90
N ALA A 152 6.19 -16.17 -8.19
CA ALA A 152 5.98 -16.31 -6.75
C ALA A 152 5.21 -17.60 -6.33
N ASP A 153 4.33 -18.08 -7.21
CA ASP A 153 3.39 -19.13 -6.80
C ASP A 153 3.69 -20.48 -7.44
N ALA A 154 4.92 -20.62 -7.94
CA ALA A 154 5.40 -21.91 -8.46
C ALA A 154 5.36 -23.07 -7.42
N PRO A 155 5.61 -22.79 -6.12
CA PRO A 155 5.48 -23.90 -5.17
C PRO A 155 4.09 -24.57 -5.10
N LEU A 156 3.10 -23.99 -5.76
CA LEU A 156 1.76 -24.49 -5.64
C LEU A 156 1.28 -25.23 -6.90
N GLN A 157 2.15 -25.29 -7.90
CA GLN A 157 1.78 -25.96 -9.16
C GLN A 157 2.07 -27.46 -9.16
N HIS A 158 2.71 -27.98 -8.11
CA HIS A 158 3.23 -29.34 -8.13
C HIS A 158 3.61 -29.75 -6.72
N TYR A 159 3.19 -30.96 -6.34
CA TYR A 159 3.48 -31.49 -5.01
C TYR A 159 4.96 -31.37 -4.55
N LEU A 160 5.88 -31.82 -5.38
CA LEU A 160 7.29 -31.74 -4.99
C LEU A 160 7.70 -30.30 -4.78
N GLN A 161 7.19 -29.41 -5.62
CA GLN A 161 7.56 -28.03 -5.51
C GLN A 161 6.92 -27.43 -4.28
N SER A 162 5.75 -27.95 -3.93
CA SER A 162 5.06 -27.67 -2.68
C SER A 162 5.86 -28.09 -1.45
N GLU A 163 6.69 -29.13 -1.60
CA GLU A 163 7.53 -29.55 -0.47
C GLU A 163 8.83 -28.76 -0.41
N GLN A 164 9.31 -28.33 -1.58
CA GLN A 164 10.56 -27.60 -1.66
C GLN A 164 10.38 -26.08 -1.61
N GLY A 165 9.15 -25.62 -1.41
CA GLY A 165 8.86 -24.21 -1.46
C GLY A 165 8.37 -23.59 -0.17
N LEU A 166 8.60 -24.27 0.96
CA LEU A 166 8.24 -23.73 2.25
C LEU A 166 9.41 -22.84 2.68
N TRP A 167 9.62 -21.76 1.95
CA TRP A 167 10.81 -20.93 2.10
C TRP A 167 11.11 -20.56 3.55
N PHE A 168 10.07 -20.30 4.33
CA PHE A 168 10.20 -19.72 5.69
C PHE A 168 9.95 -20.73 6.81
N GLY A 169 9.50 -21.92 6.43
CA GLY A 169 9.17 -22.96 7.39
C GLY A 169 8.08 -22.53 8.35
N HIS A 170 8.15 -23.04 9.56
CA HIS A 170 7.12 -22.83 10.54
C HIS A 170 7.01 -21.34 10.76
N PRO A 171 5.79 -20.76 10.56
CA PRO A 171 5.61 -19.32 10.63
C PRO A 171 5.45 -18.76 12.04
N SER A 172 5.32 -19.64 13.03
CA SER A 172 5.41 -19.21 14.43
C SER A 172 6.54 -19.88 15.21
N HIS A 173 7.76 -19.60 14.76
CA HIS A 173 8.92 -20.29 15.25
C HIS A 173 10.06 -19.30 15.27
N PRO A 174 10.86 -19.27 16.35
CA PRO A 174 12.06 -18.41 16.40
C PRO A 174 13.15 -18.69 15.35
N ALA A 175 13.37 -19.96 15.01
CA ALA A 175 14.43 -20.31 14.05
C ALA A 175 14.04 -21.52 13.22
N PRO A 176 12.99 -21.40 12.40
CA PRO A 176 12.41 -22.53 11.69
C PRO A 176 13.38 -23.32 10.79
N LYS A 177 14.45 -22.67 10.31
CA LYS A 177 15.38 -23.24 9.34
C LYS A 177 16.76 -23.54 9.94
N ALA A 178 16.84 -23.61 11.26
CA ALA A 178 18.03 -24.07 11.96
C ALA A 178 18.20 -25.59 11.82
N ARG A 179 19.29 -26.00 11.16
CA ARG A 179 19.60 -27.42 10.93
C ARG A 179 21.07 -27.65 11.23
N LEU A 180 21.39 -28.34 12.34
CA LEU A 180 22.80 -28.44 12.81
C LEU A 180 23.48 -29.78 12.45
N TRP A 181 24.15 -29.77 11.29
CA TRP A 181 24.88 -30.91 10.73
C TRP A 181 26.33 -30.65 11.01
N PRO A 182 27.18 -31.71 11.04
CA PRO A 182 28.61 -31.43 11.02
C PRO A 182 28.84 -30.51 9.84
N ALA A 183 29.35 -29.31 10.13
CA ALA A 183 29.24 -28.16 9.22
C ALA A 183 29.91 -28.37 7.84
N HIS A 184 31.06 -29.06 7.87
CA HIS A 184 31.81 -29.45 6.67
C HIS A 184 30.93 -30.12 5.57
N LEU A 185 29.67 -30.42 5.92
CA LEU A 185 28.76 -31.13 5.03
C LEU A 185 27.86 -30.24 4.17
N GLY A 186 27.73 -28.96 4.56
CA GLY A 186 26.85 -28.03 3.84
C GLY A 186 25.33 -28.19 4.04
N GLN A 187 24.60 -27.17 3.60
CA GLN A 187 23.15 -27.16 3.73
C GLN A 187 22.47 -27.56 2.42
N GLU A 188 22.81 -26.81 1.36
CA GLU A 188 22.33 -27.00 0.00
C GLU A 188 22.02 -28.43 -0.44
N GLN A 189 22.97 -29.36 -0.26
CA GLN A 189 22.83 -30.74 -0.75
C GLN A 189 21.65 -31.45 -0.14
N TRP A 190 21.15 -30.96 0.98
CA TRP A 190 20.12 -31.67 1.70
C TRP A 190 18.94 -30.76 1.97
N ALA A 191 18.98 -29.54 1.44
CA ALA A 191 17.90 -28.61 1.63
C ALA A 191 16.83 -28.72 0.54
N PRO A 192 15.61 -29.11 0.93
CA PRO A 192 14.57 -29.17 -0.08
C PRO A 192 14.44 -27.79 -0.76
N GLU A 193 14.73 -26.73 -0.03
CA GLU A 193 14.55 -25.37 -0.51
C GLU A 193 15.48 -25.05 -1.71
N PHE A 194 16.47 -25.93 -1.91
CA PHE A 194 17.39 -25.85 -3.04
C PHE A 194 17.13 -26.96 -4.05
N GLN A 195 15.98 -27.61 -3.91
CA GLN A 195 15.57 -28.71 -4.80
C GLN A 195 16.58 -29.84 -4.75
N ALA A 196 17.11 -30.10 -3.55
CA ALA A 196 18.08 -31.17 -3.35
C ALA A 196 17.64 -32.55 -3.89
N ARG A 197 18.57 -33.25 -4.56
CA ARG A 197 18.44 -34.68 -4.91
C ARG A 197 19.72 -35.37 -4.51
N ALA A 198 19.59 -36.61 -4.09
CA ALA A 198 20.74 -37.41 -3.72
C ALA A 198 20.33 -38.82 -3.97
N ALA A 199 21.26 -39.63 -4.51
CA ALA A 199 21.03 -41.09 -4.44
C ALA A 199 21.16 -41.50 -2.98
N LEU A 200 20.24 -42.36 -2.56
CA LEU A 200 20.27 -42.82 -1.17
C LEU A 200 21.49 -43.69 -0.93
N HIS A 201 21.97 -43.68 0.31
CA HIS A 201 23.08 -44.53 0.67
C HIS A 201 22.57 -45.92 0.93
N GLN A 202 23.41 -46.92 0.63
CA GLN A 202 22.97 -48.30 0.67
C GLN A 202 24.04 -49.20 1.22
N PHE A 203 23.57 -50.21 1.95
CA PHE A 203 24.39 -51.22 2.59
C PHE A 203 23.89 -52.59 2.20
N GLU A 204 24.79 -53.59 2.22
CA GLU A 204 24.40 -55.01 2.17
C GLU A 204 24.44 -55.57 3.56
N VAL A 205 23.36 -56.19 4.01
CA VAL A 205 23.24 -56.78 5.37
C VAL A 205 22.68 -58.20 5.35
N PRO A 206 23.13 -59.08 6.27
CA PRO A 206 22.61 -60.45 6.28
C PRO A 206 21.16 -60.45 6.76
N VAL A 207 20.32 -61.21 6.07
CA VAL A 207 18.89 -61.12 6.33
C VAL A 207 18.49 -61.50 7.75
N ASP A 208 19.34 -62.24 8.44
CA ASP A 208 19.03 -62.72 9.77
C ASP A 208 19.05 -61.62 10.85
N GLY A 209 19.52 -60.42 10.51
CA GLY A 209 19.48 -59.28 11.45
C GLY A 209 18.32 -58.29 11.23
N LEU A 210 17.43 -58.63 10.32
CA LEU A 210 16.42 -57.74 9.85
C LEU A 210 15.17 -57.77 10.70
N HIS A 211 14.69 -56.61 11.09
CA HIS A 211 13.38 -56.51 11.73
C HIS A 211 12.41 -55.81 10.79
N ILE A 212 11.55 -56.59 10.14
CA ILE A 212 10.59 -56.02 9.18
C ILE A 212 9.15 -56.12 9.65
N GLY A 213 8.44 -54.99 9.58
CA GLY A 213 6.99 -54.96 9.77
C GLY A 213 6.35 -54.67 8.42
N ALA A 214 5.22 -55.30 8.15
CA ALA A 214 4.59 -55.22 6.84
C ALA A 214 3.09 -55.40 6.99
N ASN A 215 2.31 -54.60 6.23
CA ASN A 215 0.85 -54.69 6.23
C ASN A 215 0.34 -54.72 4.82
N GLY A 216 -0.20 -55.87 4.41
CA GLY A 216 -0.60 -56.10 3.03
C GLY A 216 0.58 -56.19 2.05
N LEU A 217 1.79 -56.41 2.56
CA LEU A 217 2.96 -56.58 1.72
C LEU A 217 3.80 -57.68 2.31
N THR A 218 4.64 -58.29 1.48
CA THR A 218 5.59 -59.30 1.96
C THR A 218 6.83 -58.58 2.50
N PRO A 219 7.53 -59.17 3.50
CA PRO A 219 8.83 -58.61 3.86
C PRO A 219 9.66 -58.25 2.60
N GLN A 220 9.83 -59.17 1.67
CA GLN A 220 10.51 -58.86 0.38
C GLN A 220 10.06 -57.56 -0.28
N GLN A 221 8.74 -57.39 -0.41
CA GLN A 221 8.14 -56.20 -1.01
C GLN A 221 8.50 -54.94 -0.23
N VAL A 222 8.56 -55.05 1.10
CA VAL A 222 8.96 -53.91 1.93
C VAL A 222 10.40 -53.49 1.55
N LEU A 223 11.29 -54.47 1.53
CA LEU A 223 12.64 -54.27 1.04
C LEU A 223 12.67 -53.66 -0.36
N ASP A 224 11.86 -54.16 -1.29
CA ASP A 224 11.87 -53.57 -2.64
C ASP A 224 11.51 -52.08 -2.58
N GLY A 225 10.60 -51.75 -1.69
CA GLY A 225 10.17 -50.37 -1.56
C GLY A 225 11.32 -49.43 -1.28
N PHE A 226 12.27 -49.89 -0.48
CA PHE A 226 13.40 -49.08 -0.09
C PHE A 226 14.50 -49.10 -1.15
N ALA A 227 14.76 -50.29 -1.69
CA ALA A 227 15.96 -50.55 -2.48
C ALA A 227 15.76 -51.74 -3.37
N ASP A 228 16.23 -51.62 -4.62
CA ASP A 228 16.27 -52.73 -5.53
C ASP A 228 17.14 -53.81 -4.91
N GLN A 229 16.58 -55.00 -4.69
CA GLN A 229 17.32 -56.03 -3.93
C GLN A 229 18.27 -56.88 -4.77
N GLN A 230 18.36 -56.59 -6.06
CA GLN A 230 19.12 -57.40 -7.01
C GLN A 230 20.60 -57.54 -6.66
N PRO A 231 21.28 -56.41 -6.36
CA PRO A 231 22.69 -56.50 -5.98
C PRO A 231 22.99 -57.38 -4.77
N ALA A 232 21.97 -57.91 -4.10
CA ALA A 232 22.20 -58.62 -2.85
C ALA A 232 22.59 -60.07 -3.09
N SER A 233 23.69 -60.48 -2.46
CA SER A 233 24.16 -61.85 -2.52
C SER A 233 23.25 -62.70 -1.61
N PRO A 234 23.24 -64.04 -1.80
CA PRO A 234 22.35 -64.89 -0.99
C PRO A 234 22.50 -64.64 0.49
N GLY A 235 21.41 -64.80 1.23
CA GLY A 235 21.38 -64.54 2.68
C GLY A 235 21.41 -63.08 3.13
N HIS A 236 21.30 -62.18 2.15
CA HIS A 236 21.53 -60.76 2.37
C HIS A 236 20.50 -59.91 1.64
N ALA A 237 20.39 -58.67 2.08
CA ALA A 237 19.43 -57.70 1.52
C ALA A 237 20.09 -56.31 1.45
N ILE A 238 19.46 -55.41 0.72
CA ILE A 238 19.97 -54.04 0.57
C ILE A 238 19.10 -53.06 1.38
N ILE A 239 19.72 -52.34 2.31
CA ILE A 239 19.04 -51.29 3.03
C ILE A 239 19.55 -49.94 2.54
N CYS A 240 18.72 -48.90 2.65
CA CYS A 240 19.16 -47.55 2.30
C CYS A 240 19.06 -46.58 3.48
N MET A 241 19.55 -45.35 3.30
CA MET A 241 19.81 -44.45 4.42
C MET A 241 20.16 -43.07 3.90
N HIS A 242 19.84 -42.03 4.67
CA HIS A 242 20.17 -40.65 4.30
C HIS A 242 21.69 -40.64 4.17
N PRO A 243 22.24 -40.10 3.05
CA PRO A 243 23.70 -40.12 2.87
C PRO A 243 24.45 -39.55 4.07
N VAL A 244 23.90 -38.48 4.63
CA VAL A 244 24.43 -37.87 5.85
C VAL A 244 24.41 -38.86 7.03
N GLN A 245 23.28 -39.53 7.21
CA GLN A 245 23.11 -40.53 8.24
C GLN A 245 24.09 -41.71 8.10
N ALA A 246 24.44 -42.06 6.87
CA ALA A 246 25.38 -43.13 6.63
C ALA A 246 26.80 -42.72 7.02
N GLN A 247 27.16 -41.46 6.75
CA GLN A 247 28.45 -40.93 7.19
C GLN A 247 28.57 -41.01 8.70
N LEU A 248 27.55 -40.53 9.42
CA LEU A 248 27.52 -40.59 10.90
C LEU A 248 27.54 -42.03 11.39
N PHE A 249 26.72 -42.87 10.79
CA PHE A 249 26.66 -44.31 11.08
C PHE A 249 28.05 -44.97 11.05
N MET A 250 28.84 -44.61 10.03
CA MET A 250 30.15 -45.21 9.79
C MET A 250 31.31 -44.73 10.71
N GLN A 251 31.13 -43.62 11.41
CA GLN A 251 32.14 -43.20 12.38
C GLN A 251 32.22 -44.13 13.58
N ASP A 252 31.13 -44.86 13.81
CA ASP A 252 30.98 -45.72 14.96
C ASP A 252 31.84 -46.97 14.80
N ALA A 253 32.70 -47.22 15.77
CA ALA A 253 33.58 -48.37 15.67
C ALA A 253 32.83 -49.71 15.51
N ARG A 254 31.57 -49.78 15.97
CA ARG A 254 30.81 -51.01 15.86
C ARG A 254 30.54 -51.29 14.40
N VAL A 255 30.27 -50.24 13.61
CA VAL A 255 30.14 -50.37 12.15
C VAL A 255 31.49 -50.52 11.45
N GLN A 256 32.49 -49.78 11.92
CA GLN A 256 33.84 -50.01 11.48
C GLN A 256 34.19 -51.48 11.58
N GLN A 257 33.84 -52.10 12.70
CA GLN A 257 34.17 -53.50 12.97
C GLN A 257 33.46 -54.43 11.97
N LEU A 258 32.17 -54.15 11.74
CA LEU A 258 31.38 -54.95 10.84
C LEU A 258 31.86 -54.81 9.40
N LEU A 259 32.34 -53.62 9.01
CA LEU A 259 32.87 -53.44 7.66
C LEU A 259 34.18 -54.18 7.47
N ARG A 260 35.07 -54.07 8.46
CA ARG A 260 36.33 -54.81 8.44
C ARG A 260 36.11 -56.32 8.33
N ASP A 261 35.29 -56.89 9.22
CA ASP A 261 34.99 -58.33 9.19
C ASP A 261 34.06 -58.75 8.04
N ASN A 262 33.83 -57.85 7.08
CA ASN A 262 32.96 -58.12 5.90
C ASN A 262 31.51 -58.60 6.21
N VAL A 263 31.05 -58.37 7.44
CA VAL A 263 29.71 -58.83 7.81
C VAL A 263 28.67 -58.00 7.07
N ILE A 264 28.98 -56.72 6.82
CA ILE A 264 28.17 -55.84 5.94
C ILE A 264 29.07 -55.09 4.94
N ARG A 265 28.46 -54.46 3.93
CA ARG A 265 29.22 -53.74 2.94
C ARG A 265 28.79 -52.30 2.73
N ASP A 266 29.75 -51.41 2.59
CA ASP A 266 29.42 -50.06 2.15
C ASP A 266 29.22 -50.13 0.65
N LEU A 267 27.96 -50.09 0.21
CA LEU A 267 27.65 -49.81 -1.20
C LEU A 267 27.61 -48.29 -1.23
N GLY A 268 27.56 -47.63 -2.36
CA GLY A 268 27.76 -46.20 -2.23
C GLY A 268 26.50 -45.38 -2.02
N GLN A 269 26.51 -44.19 -2.62
CA GLN A 269 25.28 -43.56 -3.01
C GLN A 269 24.87 -44.25 -4.32
N SER A 270 24.33 -45.47 -4.14
CA SER A 270 23.87 -46.36 -5.23
C SER A 270 22.37 -46.66 -5.17
N GLY A 271 21.69 -46.11 -4.16
CA GLY A 271 20.25 -46.25 -4.02
C GLY A 271 19.47 -45.41 -5.01
N ARG A 272 18.15 -45.45 -4.86
CA ARG A 272 17.29 -44.66 -5.72
C ARG A 272 17.63 -43.18 -5.58
N VAL A 273 17.51 -42.44 -6.69
CA VAL A 273 17.66 -40.97 -6.70
C VAL A 273 16.34 -40.33 -6.20
N ALA A 274 16.43 -39.59 -5.10
CA ALA A 274 15.25 -39.05 -4.45
C ALA A 274 15.39 -37.59 -4.04
N SER A 275 14.27 -36.92 -3.78
CA SER A 275 14.31 -35.53 -3.33
C SER A 275 13.72 -35.45 -1.92
N PRO A 276 14.47 -34.88 -0.96
CA PRO A 276 13.91 -34.80 0.37
C PRO A 276 12.82 -33.77 0.40
N THR A 277 11.80 -34.07 1.19
CA THR A 277 10.68 -33.18 1.41
C THR A 277 11.00 -32.14 2.53
N ALA A 278 10.05 -31.26 2.83
CA ALA A 278 10.22 -30.24 3.88
C ALA A 278 10.53 -30.83 5.26
N SER A 279 10.16 -32.08 5.49
CA SER A 279 10.56 -32.78 6.71
C SER A 279 12.05 -33.22 6.68
N ILE A 280 12.69 -33.11 5.52
CA ILE A 280 14.16 -33.28 5.36
C ILE A 280 14.63 -34.74 5.29
N ARG A 281 14.15 -35.57 6.21
CA ARG A 281 14.54 -37.00 6.30
C ARG A 281 13.59 -37.92 5.51
N THR A 282 12.47 -37.37 5.02
CA THR A 282 11.53 -38.11 4.20
C THR A 282 11.75 -37.75 2.70
N TRP A 283 11.92 -38.76 1.87
CA TRP A 283 12.31 -38.56 0.48
C TRP A 283 11.17 -38.84 -0.47
N PHE A 284 11.14 -38.15 -1.60
CA PHE A 284 10.10 -38.35 -2.60
C PHE A 284 10.75 -38.87 -3.88
N ILE A 285 10.16 -39.90 -4.45
CA ILE A 285 10.62 -40.45 -5.70
C ILE A 285 9.42 -40.43 -6.66
N ASP A 286 9.48 -39.53 -7.64
CA ASP A 286 8.47 -39.38 -8.68
C ASP A 286 8.08 -40.75 -9.26
N ASP A 287 6.80 -41.10 -9.29
CA ASP A 287 6.41 -42.38 -9.92
C ASP A 287 7.05 -43.60 -9.22
N HIS A 288 6.99 -43.62 -7.90
CA HIS A 288 7.36 -44.81 -7.15
C HIS A 288 6.24 -44.85 -6.15
N ASP A 289 5.88 -46.05 -5.70
CA ASP A 289 4.73 -46.20 -4.82
C ASP A 289 4.93 -45.65 -3.42
N TYR A 290 6.18 -45.36 -3.04
CA TYR A 290 6.42 -44.88 -1.70
C TYR A 290 7.34 -43.69 -1.53
N PHE A 291 7.03 -42.93 -0.47
CA PHE A 291 7.97 -42.07 0.21
C PHE A 291 8.88 -42.99 1.02
N ILE A 292 10.12 -42.54 1.25
CA ILE A 292 11.10 -43.19 2.13
C ILE A 292 11.43 -42.26 3.30
N LYS A 293 11.09 -42.71 4.50
CA LYS A 293 11.36 -42.00 5.73
C LYS A 293 12.50 -42.74 6.37
N GLY A 294 13.49 -42.02 6.88
CA GLY A 294 14.61 -42.64 7.58
C GLY A 294 15.06 -41.83 8.77
N SER A 295 15.86 -42.46 9.62
CA SER A 295 16.44 -41.78 10.76
C SER A 295 17.50 -40.76 10.33
N LEU A 296 17.49 -39.59 10.99
CA LEU A 296 18.54 -38.59 10.85
C LEU A 296 18.90 -37.98 12.21
N ASN A 297 20.08 -38.37 12.71
CA ASN A 297 20.53 -38.00 14.04
C ASN A 297 21.08 -36.60 13.99
N VAL A 298 20.21 -35.69 13.56
CA VAL A 298 20.53 -34.27 13.39
C VAL A 298 19.37 -33.46 13.96
N ARG A 299 19.71 -32.40 14.69
CA ARG A 299 18.73 -31.51 15.28
C ARG A 299 18.12 -30.60 14.18
N ILE A 300 16.79 -30.59 14.09
CA ILE A 300 16.07 -29.82 13.08
C ILE A 300 14.82 -29.22 13.76
N THR A 301 14.75 -27.89 13.78
CA THR A 301 13.72 -27.12 14.55
C THR A 301 13.56 -27.67 15.99
N ASN A 302 14.72 -27.94 16.58
CA ASN A 302 14.97 -28.49 17.93
C ASN A 302 14.88 -30.01 18.28
N CYS A 303 14.05 -30.79 17.58
CA CYS A 303 14.15 -32.25 17.66
C CYS A 303 15.42 -32.75 16.95
N VAL A 304 15.97 -33.87 17.45
CA VAL A 304 16.76 -34.74 16.61
C VAL A 304 15.72 -35.66 15.96
N ARG A 305 15.92 -35.95 14.68
CA ARG A 305 14.95 -36.68 13.88
C ARG A 305 15.23 -38.20 13.78
N LYS A 306 15.42 -38.80 14.96
CA LYS A 306 15.58 -40.25 15.16
C LYS A 306 14.21 -40.88 15.24
N ASN A 307 14.13 -42.18 14.93
CA ASN A 307 12.95 -42.95 15.32
C ASN A 307 13.36 -44.20 16.06
N ALA A 308 12.93 -44.26 17.33
CA ALA A 308 13.26 -45.34 18.27
C ALA A 308 12.70 -46.71 17.85
N TRP A 309 13.19 -47.77 18.48
CA TRP A 309 12.78 -49.13 18.13
C TRP A 309 11.26 -49.27 18.27
N TYR A 310 10.74 -48.90 19.44
CA TYR A 310 9.32 -49.05 19.77
C TYR A 310 8.45 -48.18 18.87
N GLU A 311 9.03 -47.10 18.34
CA GLU A 311 8.36 -46.22 17.40
C GLU A 311 8.27 -46.85 16.01
N LEU A 312 9.36 -47.47 15.56
CA LEU A 312 9.32 -48.27 14.35
C LEU A 312 8.18 -49.27 14.42
N GLU A 313 8.08 -49.92 15.57
CA GLU A 313 7.07 -50.90 15.90
C GLU A 313 5.66 -50.34 16.00
N SER A 314 5.50 -49.20 16.68
CA SER A 314 4.19 -48.57 16.74
C SER A 314 3.68 -48.28 15.30
N THR A 315 4.55 -47.79 14.41
CA THR A 315 4.18 -47.52 13.01
C THR A 315 3.29 -48.62 12.42
N VAL A 316 3.78 -49.85 12.54
CA VAL A 316 3.10 -51.03 12.03
C VAL A 316 1.68 -51.12 12.62
N LEU A 317 1.56 -50.95 13.94
CA LEU A 317 0.24 -51.06 14.58
C LEU A 317 -0.74 -49.98 14.17
N ILE A 318 -0.25 -48.75 14.01
CA ILE A 318 -1.13 -47.66 13.64
C ILE A 318 -1.62 -47.88 12.23
N ASP A 319 -0.70 -48.17 11.33
CA ASP A 319 -1.07 -48.48 9.94
C ASP A 319 -2.12 -49.58 9.88
N ARG A 320 -1.91 -50.63 10.66
CA ARG A 320 -2.85 -51.74 10.71
C ARG A 320 -4.18 -51.32 11.35
N LEU A 321 -4.13 -50.43 12.35
CA LEU A 321 -5.37 -49.89 12.91
C LEU A 321 -6.14 -49.10 11.85
N PHE A 322 -5.43 -48.22 11.13
CA PHE A 322 -6.08 -47.38 10.15
C PHE A 322 -6.77 -48.16 9.02
N ARG A 323 -6.14 -49.22 8.54
CA ARG A 323 -6.84 -50.06 7.58
C ARG A 323 -8.14 -50.60 8.16
N GLN A 324 -8.11 -51.10 9.41
CA GLN A 324 -9.34 -51.67 10.00
C GLN A 324 -10.47 -50.63 9.99
N LEU A 325 -10.16 -49.43 10.47
CA LEU A 325 -11.15 -48.39 10.63
C LEU A 325 -11.74 -47.94 9.29
N LEU A 326 -10.88 -47.64 8.33
CA LEU A 326 -11.32 -47.32 6.96
C LEU A 326 -12.19 -48.40 6.30
N ASP A 327 -11.92 -49.67 6.59
CA ASP A 327 -12.82 -50.72 6.14
C ASP A 327 -14.12 -50.76 6.94
N GLN A 328 -14.04 -51.25 8.19
CA GLN A 328 -15.22 -51.58 8.98
C GLN A 328 -15.95 -50.41 9.61
N HIS A 329 -15.33 -49.23 9.62
CA HIS A 329 -15.86 -48.07 10.35
C HIS A 329 -15.88 -46.79 9.54
N ALA A 330 -15.91 -46.91 8.22
CA ALA A 330 -15.91 -45.76 7.30
C ALA A 330 -16.97 -44.70 7.63
N ASP A 331 -18.14 -45.14 8.02
CA ASP A 331 -19.27 -44.28 8.32
C ASP A 331 -19.07 -43.34 9.52
N THR A 332 -17.95 -43.49 10.23
CA THR A 332 -17.67 -42.67 11.45
C THR A 332 -16.31 -42.00 11.49
N LEU A 333 -15.60 -41.99 10.36
CA LEU A 333 -14.28 -41.36 10.24
C LEU A 333 -14.34 -40.00 9.54
N GLY A 334 -15.55 -39.44 9.41
CA GLY A 334 -15.76 -38.11 8.85
C GLY A 334 -15.16 -37.84 7.48
N GLY A 335 -15.05 -38.87 6.65
CA GLY A 335 -14.45 -38.75 5.33
C GLY A 335 -12.93 -38.70 5.33
N LEU A 336 -12.33 -39.42 6.28
CA LEU A 336 -10.88 -39.50 6.44
C LEU A 336 -10.14 -39.98 5.19
N VAL A 337 -9.09 -39.27 4.83
CA VAL A 337 -8.13 -39.73 3.84
C VAL A 337 -6.76 -39.60 4.53
N ALA A 338 -6.06 -40.71 4.61
CA ALA A 338 -4.79 -40.76 5.31
C ALA A 338 -3.77 -41.47 4.45
N ALA A 339 -2.49 -41.07 4.52
CA ALA A 339 -1.46 -41.78 3.75
C ALA A 339 -0.95 -43.01 4.53
N ALA A 340 -1.12 -44.20 3.95
CA ALA A 340 -0.74 -45.45 4.60
C ALA A 340 0.75 -45.56 4.78
N GLU A 341 1.13 -46.15 5.91
CA GLU A 341 2.53 -46.42 6.15
C GLU A 341 2.70 -47.92 6.30
N PRO A 342 2.62 -48.69 5.19
CA PRO A 342 2.44 -50.12 5.31
C PRO A 342 3.70 -50.95 5.57
N GLY A 343 4.88 -50.36 5.47
CA GLY A 343 6.13 -51.15 5.60
C GLY A 343 7.23 -50.49 6.42
N VAL A 344 7.93 -51.32 7.21
CA VAL A 344 8.98 -50.88 8.13
C VAL A 344 10.19 -51.80 8.10
N VAL A 345 11.39 -51.25 8.06
CA VAL A 345 12.61 -52.06 8.13
C VAL A 345 13.60 -51.48 9.14
N SER A 346 14.38 -52.37 9.76
CA SER A 346 15.51 -52.01 10.59
C SER A 346 16.43 -53.22 10.66
N TRP A 347 17.71 -52.96 10.95
CA TRP A 347 18.69 -54.03 11.01
C TRP A 347 19.47 -53.91 12.32
N SER A 348 20.00 -55.04 12.81
CA SER A 348 20.95 -55.12 13.94
C SER A 348 21.60 -56.48 13.84
N PRO A 349 22.87 -56.60 14.27
CA PRO A 349 23.54 -57.90 14.27
C PRO A 349 22.80 -58.96 15.07
N ALA A 350 22.81 -60.18 14.58
CA ALA A 350 21.98 -61.24 15.13
C ALA A 350 22.20 -61.47 16.63
N ALA A 351 23.45 -61.33 17.10
CA ALA A 351 23.81 -61.62 18.48
C ALA A 351 24.11 -60.35 19.27
N ALA A 352 23.62 -59.22 18.75
CA ALA A 352 24.11 -57.91 19.18
C ALA A 352 24.07 -57.62 20.68
N GLY A 353 23.00 -58.05 21.37
CA GLY A 353 22.83 -57.67 22.78
C GLY A 353 22.02 -56.39 22.89
N GLU A 354 21.08 -56.40 23.82
CA GLU A 354 19.93 -55.49 23.87
C GLU A 354 20.14 -54.02 23.47
N LEU A 355 21.16 -53.39 24.04
CA LEU A 355 21.33 -51.94 23.86
C LEU A 355 22.06 -51.55 22.57
N ASP A 356 22.83 -52.48 22.02
CA ASP A 356 23.44 -52.29 20.72
C ASP A 356 22.39 -52.49 19.66
N SER A 357 21.52 -53.46 19.93
CA SER A 357 20.39 -53.79 19.08
C SER A 357 19.50 -52.56 18.92
N HIS A 358 19.15 -51.92 20.04
CA HIS A 358 18.36 -50.68 20.01
C HIS A 358 19.04 -49.60 19.20
N TRP A 359 20.35 -49.42 19.43
CA TRP A 359 21.10 -48.40 18.72
C TRP A 359 21.06 -48.70 17.26
N PHE A 360 21.40 -49.92 16.90
CA PHE A 360 21.53 -50.28 15.50
C PHE A 360 20.25 -50.07 14.68
N ARG A 361 19.13 -50.48 15.26
CA ARG A 361 17.82 -50.40 14.61
C ARG A 361 17.34 -48.95 14.50
N GLU A 362 17.64 -48.13 15.50
CA GLU A 362 17.34 -46.73 15.47
C GLU A 362 18.20 -46.01 14.40
N GLN A 363 19.39 -46.54 14.11
CA GLN A 363 20.27 -45.98 13.10
C GLN A 363 19.82 -46.31 11.69
N THR A 364 19.21 -47.48 11.52
CA THR A 364 18.94 -48.04 10.19
C THR A 364 17.46 -48.09 9.83
N GLY A 365 16.61 -47.84 10.82
CA GLY A 365 15.17 -47.80 10.65
C GLY A 365 14.72 -46.98 9.46
N GLY A 366 13.75 -47.53 8.74
CA GLY A 366 13.18 -46.91 7.57
C GLY A 366 11.71 -47.23 7.58
N ILE A 367 10.91 -46.29 7.07
CA ILE A 367 9.47 -46.41 6.93
C ILE A 367 9.10 -46.18 5.47
N LEU A 368 8.21 -47.03 4.96
CA LEU A 368 7.62 -46.92 3.64
C LEU A 368 6.26 -46.21 3.71
N ARG A 369 6.18 -44.98 3.20
CA ARG A 369 4.88 -44.29 3.15
C ARG A 369 4.33 -44.26 1.73
N GLU A 370 3.01 -44.47 1.63
CA GLU A 370 2.30 -44.55 0.35
C GLU A 370 2.56 -43.27 -0.41
N ASN A 371 2.94 -43.35 -1.69
CA ASN A 371 2.98 -42.13 -2.50
C ASN A 371 1.60 -41.80 -2.99
N PHE A 372 0.91 -40.99 -2.22
CA PHE A 372 -0.46 -40.64 -2.56
C PHE A 372 -0.57 -40.05 -3.94
N CYS A 373 0.52 -39.52 -4.48
CA CYS A 373 0.46 -38.87 -5.79
C CYS A 373 -0.06 -39.72 -6.93
N ARG A 374 0.28 -41.02 -6.94
CA ARG A 374 -0.26 -41.94 -7.96
C ARG A 374 -1.78 -41.91 -7.89
N ARG A 375 -2.30 -41.85 -6.67
CA ARG A 375 -3.72 -42.00 -6.42
C ARG A 375 -4.41 -40.65 -6.55
N THR A 376 -3.62 -39.58 -6.67
CA THR A 376 -4.14 -38.22 -6.51
C THR A 376 -3.66 -37.21 -7.56
N GLY A 377 -2.57 -37.53 -8.22
CA GLY A 377 -2.02 -36.65 -9.24
C GLY A 377 -1.12 -35.61 -8.62
N ALA A 378 0.13 -35.57 -9.05
CA ALA A 378 1.11 -34.60 -8.53
C ALA A 378 0.66 -33.15 -8.72
N GLU A 379 0.19 -32.82 -9.92
CA GLU A 379 -0.35 -31.49 -10.18
C GLU A 379 -1.55 -31.12 -9.29
N ARG A 380 -2.11 -32.11 -8.61
CA ARG A 380 -3.36 -31.93 -7.87
C ARG A 380 -3.19 -31.94 -6.33
N SER A 381 -1.95 -32.13 -5.86
CA SER A 381 -1.67 -32.22 -4.42
C SER A 381 -0.67 -31.18 -3.97
N ILE A 382 -1.01 -30.45 -2.92
CA ILE A 382 -0.18 -29.41 -2.40
C ILE A 382 -0.10 -29.58 -0.88
N MET A 383 1.11 -29.47 -0.33
CA MET A 383 1.26 -29.55 1.12
C MET A 383 0.61 -28.32 1.80
N ALA A 384 -0.09 -28.55 2.92
CA ALA A 384 -0.84 -27.46 3.57
C ALA A 384 0.09 -26.33 3.94
N GLY A 385 1.21 -26.62 4.62
CA GLY A 385 2.18 -25.61 5.00
C GLY A 385 2.54 -24.62 3.91
N THR A 386 2.83 -25.10 2.71
CA THR A 386 3.17 -24.20 1.62
C THR A 386 1.93 -23.51 1.06
N LEU A 387 0.84 -24.26 0.95
CA LEU A 387 -0.43 -23.71 0.49
C LEU A 387 -0.71 -22.37 1.17
N PHE A 388 -0.46 -22.31 2.46
CA PHE A 388 -0.82 -21.15 3.27
C PHE A 388 0.41 -20.34 3.66
N ALA A 389 1.50 -20.52 2.92
CA ALA A 389 2.74 -19.80 3.20
C ALA A 389 2.94 -18.65 2.23
N ARG A 390 3.97 -17.86 2.49
CA ARG A 390 4.30 -16.72 1.64
C ARG A 390 5.36 -17.06 0.58
N GLY A 391 5.26 -16.46 -0.61
CA GLY A 391 6.21 -16.69 -1.70
C GLY A 391 7.46 -15.84 -1.61
N VAL A 392 8.33 -15.91 -2.61
CA VAL A 392 9.58 -15.12 -2.60
C VAL A 392 9.37 -13.59 -2.60
N ASP A 393 8.13 -13.14 -2.72
CA ASP A 393 7.83 -11.71 -2.64
C ASP A 393 6.95 -11.40 -1.42
N LEU A 394 6.98 -12.30 -0.43
CA LEU A 394 6.27 -12.12 0.85
C LEU A 394 4.76 -11.96 0.74
N GLN A 395 4.20 -12.21 -0.44
CA GLN A 395 2.75 -12.30 -0.59
C GLN A 395 2.33 -13.74 -0.38
N PRO A 396 1.13 -13.95 0.19
CA PRO A 396 0.66 -15.32 0.25
C PRO A 396 0.46 -15.83 -1.18
N MET A 397 0.93 -17.05 -1.45
CA MET A 397 0.87 -17.64 -2.77
C MET A 397 -0.54 -18.04 -3.18
N ILE A 398 -1.38 -18.34 -2.18
CA ILE A 398 -2.74 -18.81 -2.42
C ILE A 398 -3.54 -17.84 -3.26
N GLN A 399 -3.41 -16.54 -2.96
CA GLN A 399 -4.09 -15.47 -3.72
C GLN A 399 -3.95 -15.60 -5.25
N THR A 400 -2.72 -15.66 -5.77
CA THR A 400 -2.55 -15.74 -7.23
C THR A 400 -2.88 -17.16 -7.79
N PHE A 401 -2.53 -18.19 -7.03
CA PHE A 401 -2.86 -19.57 -7.39
C PHE A 401 -4.36 -19.76 -7.65
N LEU A 402 -5.21 -19.22 -6.77
CA LEU A 402 -6.65 -19.35 -6.95
C LEU A 402 -7.21 -18.48 -8.08
N ARG A 403 -6.68 -17.26 -8.24
CA ARG A 403 -7.05 -16.41 -9.40
C ARG A 403 -6.75 -17.09 -10.74
N THR A 404 -5.67 -17.88 -10.81
CA THR A 404 -5.36 -18.61 -12.03
C THR A 404 -6.35 -19.74 -12.26
N HIS A 405 -6.85 -20.34 -11.18
CA HIS A 405 -7.79 -21.43 -11.31
C HIS A 405 -9.22 -21.00 -11.54
N TYR A 406 -9.65 -19.91 -10.90
CA TYR A 406 -11.03 -19.43 -10.98
C TYR A 406 -11.36 -18.52 -12.18
N GLY A 407 -10.37 -18.28 -13.04
CA GLY A 407 -10.53 -17.45 -14.24
C GLY A 407 -10.59 -15.95 -13.98
N GLU A 408 -10.70 -15.57 -12.70
CA GLU A 408 -10.80 -14.15 -12.34
C GLU A 408 -10.52 -13.97 -10.85
N ALA A 409 -10.29 -12.72 -10.43
CA ALA A 409 -10.07 -12.46 -9.00
C ALA A 409 -11.30 -12.82 -8.16
N LEU A 410 -11.01 -13.53 -7.08
CA LEU A 410 -12.01 -14.04 -6.19
C LEU A 410 -12.57 -12.90 -5.37
N ASP A 411 -13.88 -12.72 -5.39
CA ASP A 411 -14.48 -11.79 -4.46
C ASP A 411 -14.60 -12.46 -3.09
N ASP A 412 -15.01 -11.69 -2.08
CA ASP A 412 -15.26 -12.20 -0.75
C ASP A 412 -16.10 -13.52 -0.70
N ASN A 413 -17.13 -13.62 -1.52
CA ASN A 413 -17.98 -14.80 -1.54
C ASN A 413 -17.28 -16.02 -2.06
N ALA A 414 -16.45 -15.83 -3.10
CA ALA A 414 -15.66 -16.92 -3.69
C ALA A 414 -14.69 -17.44 -2.66
N LEU A 415 -14.11 -16.51 -1.93
CA LEU A 415 -13.16 -16.83 -0.87
C LEU A 415 -13.80 -17.56 0.30
N LEU A 416 -14.92 -17.04 0.79
CA LEU A 416 -15.54 -17.61 1.96
C LEU A 416 -15.96 -19.02 1.66
N TYR A 417 -16.33 -19.24 0.41
CA TYR A 417 -16.83 -20.51 -0.09
C TYR A 417 -15.70 -21.53 -0.14
N TRP A 418 -14.57 -21.12 -0.71
CA TRP A 418 -13.36 -21.94 -0.75
C TRP A 418 -13.00 -22.40 0.66
N PHE A 419 -12.96 -21.46 1.61
CA PHE A 419 -12.58 -21.80 3.00
C PHE A 419 -13.49 -22.86 3.60
N ASP A 420 -14.79 -22.69 3.41
CA ASP A 420 -15.75 -23.63 3.93
C ASP A 420 -15.46 -25.02 3.43
N ASP A 421 -15.24 -25.14 2.12
CA ASP A 421 -14.92 -26.41 1.50
C ASP A 421 -13.66 -27.02 2.08
N TYR A 422 -12.72 -26.16 2.47
CA TYR A 422 -11.47 -26.63 3.02
C TYR A 422 -11.64 -27.11 4.49
N GLN A 423 -12.06 -26.19 5.35
CA GLN A 423 -12.21 -26.45 6.77
C GLN A 423 -13.00 -27.72 7.07
N THR A 424 -14.09 -27.96 6.33
CA THR A 424 -14.92 -29.13 6.64
C THR A 424 -14.19 -30.46 6.45
N ARG A 425 -13.20 -30.47 5.56
CA ARG A 425 -12.51 -31.70 5.19
C ARG A 425 -11.33 -31.94 6.09
N LEU A 426 -11.09 -30.99 6.98
CA LEU A 426 -10.06 -31.11 7.96
C LEU A 426 -10.72 -31.52 9.26
N LEU A 427 -11.73 -30.75 9.64
CA LEU A 427 -12.37 -30.87 10.94
C LEU A 427 -13.07 -32.20 11.10
N ARG A 428 -13.88 -32.57 10.12
CA ARG A 428 -14.69 -33.78 10.25
C ARG A 428 -13.84 -35.03 10.46
N PRO A 429 -12.82 -35.28 9.59
CA PRO A 429 -12.06 -36.51 9.77
C PRO A 429 -11.38 -36.61 11.15
N VAL A 430 -10.71 -35.53 11.55
CA VAL A 430 -9.95 -35.49 12.81
C VAL A 430 -10.80 -35.64 14.10
N LEU A 431 -11.87 -34.86 14.17
CA LEU A 431 -12.75 -34.86 15.32
C LEU A 431 -13.56 -36.17 15.38
N SER A 432 -13.80 -36.75 14.20
CA SER A 432 -14.49 -38.03 14.11
C SER A 432 -13.58 -39.16 14.52
N LEU A 433 -12.28 -38.97 14.30
CA LEU A 433 -11.30 -39.95 14.76
C LEU A 433 -11.15 -39.90 16.26
N PHE A 434 -11.08 -38.69 16.82
CA PHE A 434 -10.93 -38.51 18.26
C PHE A 434 -12.13 -39.06 19.10
N PHE A 435 -13.28 -38.42 18.98
CA PHE A 435 -14.37 -38.67 19.89
C PHE A 435 -15.00 -40.05 19.68
N ASN A 436 -15.03 -40.47 18.41
CA ASN A 436 -15.67 -41.74 18.07
C ASN A 436 -14.76 -42.90 18.41
N HIS A 437 -13.46 -42.76 18.18
CA HIS A 437 -12.51 -43.89 18.27
C HIS A 437 -11.31 -43.66 19.19
N GLY A 438 -11.18 -42.44 19.71
CA GLY A 438 -10.06 -42.10 20.59
C GLY A 438 -8.73 -42.09 19.87
N VAL A 439 -8.78 -41.85 18.56
CA VAL A 439 -7.58 -41.76 17.74
C VAL A 439 -7.13 -40.31 17.70
N VAL A 440 -5.89 -40.09 18.13
CA VAL A 440 -5.34 -38.73 18.13
C VAL A 440 -4.33 -38.53 16.99
N MET A 441 -4.73 -37.73 16.01
CA MET A 441 -3.87 -37.27 14.93
C MET A 441 -3.07 -36.05 15.33
N GLU A 442 -2.13 -35.67 14.48
CA GLU A 442 -1.36 -34.45 14.61
C GLU A 442 -1.55 -33.64 13.30
N PRO A 443 -2.72 -32.97 13.16
CA PRO A 443 -3.06 -32.37 11.87
C PRO A 443 -2.56 -30.95 11.75
N HIS A 444 -1.28 -30.74 12.08
CA HIS A 444 -0.62 -29.49 11.76
C HIS A 444 -0.31 -29.40 10.23
N LEU A 445 0.12 -28.22 9.79
CA LEU A 445 0.33 -27.92 8.36
C LEU A 445 1.30 -28.85 7.60
N GLN A 446 2.38 -29.29 8.25
CA GLN A 446 3.31 -30.24 7.63
C GLN A 446 2.67 -31.64 7.44
N ASN A 447 1.70 -31.99 8.30
CA ASN A 447 1.00 -33.28 8.24
C ASN A 447 -0.31 -33.26 7.42
N SER A 448 -0.48 -32.28 6.54
CA SER A 448 -1.70 -32.17 5.76
C SER A 448 -1.46 -31.84 4.28
N VAL A 449 -2.24 -32.48 3.40
CA VAL A 449 -2.11 -32.30 1.97
C VAL A 449 -3.47 -32.07 1.32
N LEU A 450 -3.65 -30.89 0.73
CA LEU A 450 -4.83 -30.62 -0.06
C LEU A 450 -4.77 -31.35 -1.40
N VAL A 451 -5.82 -32.14 -1.69
CA VAL A 451 -6.09 -32.68 -3.01
C VAL A 451 -7.19 -31.81 -3.60
N HIS A 452 -6.90 -31.14 -4.70
CA HIS A 452 -7.84 -30.20 -5.30
C HIS A 452 -8.15 -30.56 -6.74
N GLN A 453 -9.28 -30.05 -7.24
CA GLN A 453 -9.62 -30.13 -8.65
C GLN A 453 -9.85 -28.72 -9.19
N GLN A 454 -9.01 -28.29 -10.14
CA GLN A 454 -9.00 -26.92 -10.66
C GLN A 454 -9.21 -25.89 -9.55
N GLY A 455 -8.52 -26.13 -8.44
CA GLY A 455 -8.52 -25.22 -7.31
C GLY A 455 -9.48 -25.62 -6.22
N ARG A 456 -10.49 -26.43 -6.56
CA ARG A 456 -11.53 -26.78 -5.58
C ARG A 456 -11.12 -27.95 -4.66
N PRO A 457 -11.17 -27.72 -3.33
CA PRO A 457 -10.83 -28.74 -2.33
C PRO A 457 -11.67 -29.99 -2.48
N GLN A 458 -10.98 -31.13 -2.62
CA GLN A 458 -11.59 -32.48 -2.61
C GLN A 458 -11.28 -33.18 -1.28
N GLN A 459 -10.00 -33.20 -0.91
CA GLN A 459 -9.55 -33.92 0.27
C GLN A 459 -8.44 -33.18 0.95
N VAL A 460 -8.36 -33.33 2.26
CA VAL A 460 -7.20 -32.87 3.01
C VAL A 460 -6.57 -34.13 3.54
N LEU A 461 -5.59 -34.67 2.81
CA LEU A 461 -4.98 -35.93 3.21
C LEU A 461 -4.17 -35.74 4.49
N LEU A 462 -4.29 -36.69 5.42
CA LEU A 462 -3.51 -36.66 6.66
C LEU A 462 -2.37 -37.70 6.68
N ARG A 463 -1.27 -37.35 7.36
CA ARG A 463 0.04 -38.03 7.29
C ARG A 463 0.66 -38.27 8.66
N ASP A 464 1.72 -39.09 8.69
CA ASP A 464 2.61 -39.18 9.85
C ASP A 464 2.06 -39.96 11.05
N PHE A 465 2.11 -41.29 10.92
CA PHE A 465 1.69 -42.21 11.97
C PHE A 465 2.56 -42.06 13.23
N GLU A 466 3.76 -41.51 13.07
CA GLU A 466 4.69 -41.31 14.20
C GLU A 466 4.00 -40.54 15.29
N GLY A 467 3.38 -39.43 14.91
CA GLY A 467 2.62 -38.60 15.85
C GLY A 467 1.32 -39.18 16.40
N VAL A 468 0.77 -40.23 15.81
CA VAL A 468 -0.54 -40.69 16.23
C VAL A 468 -0.52 -41.23 17.64
N LYS A 469 -1.59 -40.96 18.40
CA LYS A 469 -1.67 -41.40 19.79
C LYS A 469 -3.04 -41.98 20.11
N LEU A 470 -3.06 -42.86 21.10
CA LEU A 470 -4.30 -43.52 21.48
C LEU A 470 -4.68 -43.23 22.93
N THR A 471 -5.87 -42.63 23.10
CA THR A 471 -6.36 -42.22 24.43
C THR A 471 -6.47 -43.37 25.43
N ASP A 472 -6.19 -43.06 26.69
CA ASP A 472 -6.28 -44.04 27.76
C ASP A 472 -7.71 -44.54 28.08
N ASP A 473 -8.73 -43.79 27.66
CA ASP A 473 -10.14 -44.12 27.97
C ASP A 473 -10.93 -44.82 26.87
N LEU A 474 -10.43 -44.76 25.63
CA LEU A 474 -11.13 -45.30 24.46
C LEU A 474 -10.20 -45.93 23.40
N GLY A 475 -9.25 -45.15 22.90
CA GLY A 475 -8.31 -45.60 21.86
C GLY A 475 -7.40 -46.72 22.30
N ILE A 476 -7.26 -46.87 23.62
CA ILE A 476 -6.53 -47.98 24.24
C ILE A 476 -6.98 -49.35 23.71
N ARG A 477 -8.30 -49.57 23.68
CA ARG A 477 -8.85 -50.90 23.49
C ARG A 477 -8.49 -51.54 22.16
N TYR A 478 -8.16 -50.72 21.16
CA TYR A 478 -7.66 -51.18 19.87
C TYR A 478 -6.27 -51.80 19.97
N ILE A 479 -5.51 -51.41 20.98
CA ILE A 479 -4.20 -52.00 21.22
C ILE A 479 -4.29 -53.31 22.06
N ASP A 480 -3.62 -54.37 21.57
CA ASP A 480 -3.65 -55.70 22.20
C ASP A 480 -2.81 -55.79 23.48
N ASP A 481 -3.17 -56.74 24.34
CA ASP A 481 -2.40 -57.03 25.56
C ASP A 481 -1.10 -57.76 25.24
N ASP A 482 -0.98 -58.27 24.00
CA ASP A 482 0.22 -58.92 23.48
C ASP A 482 1.26 -57.91 23.00
N ILE A 483 0.98 -56.63 23.20
CA ILE A 483 1.88 -55.55 22.76
C ILE A 483 2.94 -55.30 23.82
N HIS A 484 4.19 -55.11 23.40
CA HIS A 484 5.28 -54.77 24.30
C HIS A 484 4.98 -53.49 25.08
N PRO A 485 5.15 -53.51 26.44
CA PRO A 485 4.86 -52.36 27.34
C PRO A 485 5.42 -50.98 26.92
N ARG A 486 6.56 -50.99 26.22
CA ARG A 486 7.24 -49.76 25.77
C ARG A 486 6.55 -49.19 24.53
N VAL A 487 6.16 -50.06 23.61
CA VAL A 487 5.38 -49.63 22.44
C VAL A 487 4.01 -49.09 22.90
N ARG A 488 3.43 -49.75 23.89
CA ARG A 488 2.15 -49.32 24.48
C ARG A 488 2.25 -47.94 25.13
N GLN A 489 3.29 -47.75 25.95
CA GLN A 489 3.53 -46.46 26.58
C GLN A 489 3.69 -45.38 25.52
N SER A 490 4.56 -45.66 24.54
CA SER A 490 4.81 -44.78 23.39
C SER A 490 3.54 -44.17 22.79
N LEU A 491 2.51 -45.01 22.64
CA LEU A 491 1.26 -44.63 21.98
C LEU A 491 0.22 -44.04 22.91
N LEU A 492 0.35 -44.32 24.21
CA LEU A 492 -0.66 -43.93 25.18
C LEU A 492 -0.64 -42.42 25.38
N TYR A 493 -1.84 -41.84 25.40
CA TYR A 493 -2.10 -40.46 25.82
C TYR A 493 -3.28 -40.39 26.76
N SER A 494 -3.26 -39.42 27.66
CA SER A 494 -4.47 -39.13 28.40
C SER A 494 -5.41 -38.40 27.45
N ARG A 495 -6.70 -38.47 27.72
CA ARG A 495 -7.69 -37.70 26.96
C ARG A 495 -7.41 -36.19 27.00
N GLU A 496 -6.92 -35.67 28.12
CA GLU A 496 -6.57 -34.25 28.26
C GLU A 496 -5.48 -33.89 27.26
N GLN A 497 -4.45 -34.75 27.22
CA GLN A 497 -3.30 -34.60 26.33
C GLN A 497 -3.70 -34.55 24.89
N GLY A 498 -4.47 -35.57 24.48
CA GLY A 498 -4.98 -35.65 23.14
C GLY A 498 -5.66 -34.35 22.76
N TRP A 499 -6.65 -33.97 23.56
CA TRP A 499 -7.45 -32.79 23.30
C TRP A 499 -6.61 -31.52 23.21
N ASN A 500 -5.62 -31.39 24.08
CA ASN A 500 -4.65 -30.29 24.01
C ASN A 500 -3.96 -30.23 22.63
N ARG A 501 -3.40 -31.35 22.18
CA ARG A 501 -2.65 -31.34 20.92
C ARG A 501 -3.55 -31.01 19.72
N ILE A 502 -4.72 -31.64 19.70
CA ILE A 502 -5.70 -31.43 18.67
C ILE A 502 -6.09 -29.95 18.59
N MET A 503 -6.31 -29.33 19.76
CA MET A 503 -6.63 -27.90 19.84
C MET A 503 -5.57 -27.06 19.19
N TYR A 504 -4.33 -27.20 19.64
CA TYR A 504 -3.21 -26.47 19.07
C TYR A 504 -3.18 -26.62 17.55
N CYS A 505 -3.29 -27.86 17.08
CA CYS A 505 -3.07 -28.18 15.68
C CYS A 505 -4.14 -27.67 14.75
N LEU A 506 -5.38 -28.04 15.05
CA LEU A 506 -6.49 -27.71 14.19
C LEU A 506 -6.66 -26.19 14.09
N PHE A 507 -6.74 -25.55 15.24
CA PHE A 507 -7.24 -24.20 15.25
C PHE A 507 -6.18 -23.12 15.13
N ILE A 508 -5.15 -23.22 15.97
CA ILE A 508 -4.10 -22.21 16.05
C ILE A 508 -2.98 -22.45 15.03
N ASN A 509 -2.47 -23.69 15.00
CA ASN A 509 -1.40 -24.04 14.10
C ASN A 509 -1.86 -23.95 12.67
N HIS A 510 -3.04 -24.54 12.42
CA HIS A 510 -3.48 -24.85 11.07
C HIS A 510 -4.47 -23.81 10.48
N LEU A 511 -5.72 -23.85 10.92
CA LEU A 511 -6.76 -23.00 10.35
C LEU A 511 -6.53 -21.52 10.60
N SER A 512 -5.93 -21.16 11.73
CA SER A 512 -5.64 -19.76 12.00
C SER A 512 -4.82 -19.17 10.85
N GLU A 513 -3.86 -19.98 10.39
CA GLU A 513 -3.01 -19.64 9.26
C GLU A 513 -3.79 -19.64 7.97
N THR A 514 -4.68 -20.61 7.80
CA THR A 514 -5.54 -20.66 6.63
C THR A 514 -6.29 -19.34 6.48
N ILE A 515 -7.05 -18.99 7.52
CA ILE A 515 -7.78 -17.75 7.52
C ILE A 515 -6.84 -16.58 7.23
N LEU A 516 -5.66 -16.55 7.82
CA LEU A 516 -4.76 -15.41 7.58
C LEU A 516 -4.30 -15.30 6.12
N ALA A 517 -3.96 -16.42 5.51
CA ALA A 517 -3.55 -16.37 4.14
C ALA A 517 -4.74 -16.01 3.25
N LEU A 518 -5.89 -16.62 3.52
CA LEU A 518 -7.04 -16.38 2.68
C LEU A 518 -7.48 -14.93 2.74
N SER A 519 -7.37 -14.32 3.92
CA SER A 519 -8.03 -13.03 4.17
C SER A 519 -7.05 -11.88 4.19
N GLN A 520 -5.85 -12.13 3.68
CA GLN A 520 -4.82 -11.09 3.51
C GLN A 520 -5.41 -9.97 2.68
N GLY A 521 -5.35 -8.75 3.20
CA GLY A 521 -5.84 -7.58 2.48
C GLY A 521 -7.33 -7.41 2.62
N ARG A 522 -7.98 -8.40 3.23
CA ARG A 522 -9.43 -8.37 3.47
C ARG A 522 -9.80 -8.91 4.86
N PRO A 523 -9.23 -8.30 5.91
CA PRO A 523 -9.30 -8.79 7.30
C PRO A 523 -10.71 -8.91 7.88
N GLN A 524 -11.67 -8.32 7.19
CA GLN A 524 -13.05 -8.36 7.64
C GLN A 524 -13.64 -9.76 7.48
N LEU A 525 -12.96 -10.60 6.69
CA LEU A 525 -13.43 -11.97 6.46
C LEU A 525 -13.13 -12.88 7.64
N ALA A 526 -12.11 -12.53 8.40
CA ALA A 526 -11.66 -13.41 9.49
C ALA A 526 -12.79 -13.70 10.47
N PRO A 527 -13.45 -12.65 11.00
CA PRO A 527 -14.55 -12.90 11.95
C PRO A 527 -15.52 -13.87 11.36
N LEU A 528 -15.86 -13.66 10.09
CA LEU A 528 -16.80 -14.51 9.35
C LEU A 528 -16.38 -15.98 9.16
N MET A 529 -15.08 -16.21 8.90
CA MET A 529 -14.53 -17.58 8.74
C MET A 529 -14.54 -18.35 10.05
N TRP A 530 -14.20 -17.69 11.13
CA TRP A 530 -14.16 -18.33 12.43
C TRP A 530 -15.56 -18.69 12.92
N ARG A 531 -16.53 -17.85 12.56
CA ARG A 531 -17.93 -18.04 12.89
C ARG A 531 -18.46 -19.26 12.16
N ARG A 532 -17.99 -19.44 10.93
CA ARG A 532 -18.27 -20.63 10.14
C ARG A 532 -17.63 -21.86 10.80
N VAL A 533 -16.48 -21.68 11.43
CA VAL A 533 -15.83 -22.78 12.12
C VAL A 533 -16.63 -23.22 13.36
N GLN A 534 -17.15 -22.24 14.09
CA GLN A 534 -18.02 -22.55 15.20
C GLN A 534 -19.23 -23.36 14.73
N GLN A 535 -19.93 -22.85 13.72
CA GLN A 535 -21.14 -23.51 13.20
C GLN A 535 -20.78 -24.95 12.84
N GLN A 536 -19.67 -25.11 12.12
CA GLN A 536 -19.18 -26.39 11.68
C GLN A 536 -18.95 -27.35 12.85
N LEU A 537 -18.48 -26.81 13.97
CA LEU A 537 -18.25 -27.61 15.16
C LEU A 537 -19.54 -28.14 15.75
N ARG A 538 -20.55 -27.27 15.85
CA ARG A 538 -21.88 -27.71 16.29
C ARG A 538 -22.40 -28.85 15.40
N ALA A 539 -22.16 -28.71 14.09
CA ALA A 539 -22.65 -29.67 13.14
C ALA A 539 -22.04 -31.01 13.48
N ILE A 540 -20.72 -31.07 13.41
CA ILE A 540 -19.97 -32.30 13.66
C ILE A 540 -20.46 -33.00 14.95
N GLN A 541 -20.57 -32.22 16.01
CA GLN A 541 -20.99 -32.72 17.30
C GLN A 541 -22.21 -33.61 17.17
N GLY A 542 -23.30 -33.05 16.63
CA GLY A 542 -24.56 -33.79 16.44
C GLY A 542 -24.50 -34.96 15.49
N GLU A 543 -23.31 -35.19 14.94
CA GLU A 543 -23.01 -36.24 14.00
C GLU A 543 -22.33 -37.40 14.75
N LEU A 544 -22.05 -37.15 16.02
CA LEU A 544 -21.11 -37.96 16.80
C LEU A 544 -21.71 -39.07 17.63
N LYS A 545 -20.93 -40.15 17.77
CA LYS A 545 -21.41 -41.39 18.39
C LYS A 545 -21.05 -41.58 19.87
N GLN A 546 -20.28 -40.63 20.41
CA GLN A 546 -19.88 -40.61 21.82
C GLN A 546 -19.95 -39.18 22.40
N PRO A 547 -20.24 -39.05 23.73
CA PRO A 547 -20.20 -37.71 24.36
C PRO A 547 -18.92 -36.93 24.05
N SER A 548 -19.08 -35.62 23.92
CA SER A 548 -18.00 -34.75 23.51
C SER A 548 -17.95 -33.46 24.34
N PRO A 549 -17.83 -33.59 25.69
CA PRO A 549 -17.93 -32.38 26.50
C PRO A 549 -16.82 -31.34 26.18
N GLU A 550 -15.65 -31.81 25.74
CA GLU A 550 -14.56 -30.90 25.31
C GLU A 550 -15.00 -30.09 24.09
N LEU A 551 -15.93 -30.63 23.34
CA LEU A 551 -16.43 -29.90 22.21
C LEU A 551 -17.47 -28.82 22.60
N ASP A 552 -18.40 -29.15 23.51
CA ASP A 552 -19.34 -28.16 24.04
C ASP A 552 -18.52 -26.97 24.45
N ALA A 553 -17.49 -27.26 25.27
CA ALA A 553 -16.63 -26.25 25.88
C ALA A 553 -15.99 -25.33 24.82
N LEU A 554 -15.39 -25.93 23.80
CA LEU A 554 -14.80 -25.18 22.71
C LEU A 554 -15.82 -24.23 22.03
N ILE A 555 -16.97 -24.81 21.66
CA ILE A 555 -18.08 -24.06 21.08
C ILE A 555 -18.45 -22.89 21.97
N ALA A 556 -18.67 -23.18 23.26
CA ALA A 556 -19.03 -22.16 24.27
C ALA A 556 -18.05 -20.98 24.38
N GLY A 557 -16.85 -21.14 23.83
CA GLY A 557 -15.87 -20.07 23.76
C GLY A 557 -14.86 -20.13 24.90
N HIS A 558 -14.61 -21.34 25.39
CA HIS A 558 -13.55 -21.61 26.36
C HIS A 558 -12.16 -21.45 25.67
N PRO A 559 -11.12 -20.99 26.41
CA PRO A 559 -9.77 -20.83 25.84
C PRO A 559 -9.18 -22.07 25.21
N VAL A 560 -8.31 -21.82 24.25
CA VAL A 560 -7.78 -22.81 23.34
C VAL A 560 -6.29 -23.05 23.66
N ALA A 561 -5.85 -24.31 23.68
CA ALA A 561 -4.45 -24.63 24.01
C ALA A 561 -3.46 -24.25 22.88
N CYS A 562 -2.29 -23.76 23.29
CA CYS A 562 -1.30 -23.28 22.34
C CYS A 562 0.12 -23.70 22.67
N LYS A 563 0.65 -24.60 21.84
CA LYS A 563 1.99 -25.13 22.01
C LYS A 563 3.04 -24.04 21.71
N THR A 564 4.05 -23.94 22.58
CA THR A 564 5.07 -22.90 22.51
C THR A 564 6.34 -23.31 21.74
N ASN A 565 6.93 -22.36 21.04
CA ASN A 565 8.15 -22.62 20.26
C ASN A 565 9.30 -21.77 20.78
N LEU A 566 8.98 -20.65 21.38
CA LEU A 566 10.03 -19.85 22.02
C LEU A 566 10.16 -20.13 23.51
N LYS A 567 9.04 -20.15 24.24
CA LYS A 567 9.02 -20.31 25.68
C LYS A 567 9.62 -21.63 26.11
N VAL A 568 9.36 -22.68 25.35
CA VAL A 568 9.90 -23.98 25.66
C VAL A 568 11.44 -23.94 25.67
N ARG A 569 12.03 -23.20 24.72
CA ARG A 569 13.50 -23.12 24.59
C ARG A 569 14.19 -22.40 25.75
N LEU A 570 13.45 -21.52 26.41
CA LEU A 570 13.94 -20.76 27.56
C LEU A 570 13.37 -21.32 28.88
N ALA A 571 13.32 -22.66 29.01
CA ALA A 571 12.82 -23.33 30.23
C ALA A 571 13.11 -24.84 30.18
N ALA A 578 5.12 -25.15 30.62
CA ALA A 578 5.81 -24.20 29.73
C ALA A 578 5.80 -24.58 28.23
N SER A 579 5.22 -25.75 27.90
CA SER A 579 5.00 -26.16 26.48
C SER A 579 3.67 -25.65 25.83
N TYR A 580 2.58 -25.59 26.61
CA TYR A 580 1.29 -25.05 26.18
C TYR A 580 0.94 -23.76 26.93
N VAL A 581 0.43 -22.76 26.22
CA VAL A 581 -0.23 -21.64 26.87
C VAL A 581 -1.70 -21.66 26.46
N ARG A 582 -2.44 -20.63 26.83
CA ARG A 582 -3.87 -20.62 26.55
C ARG A 582 -4.24 -19.32 25.86
N LEU A 583 -4.85 -19.47 24.69
CA LEU A 583 -5.26 -18.35 23.88
C LEU A 583 -6.78 -18.16 23.92
N PRO A 584 -7.25 -16.91 24.06
CA PRO A 584 -8.69 -16.68 24.01
C PRO A 584 -9.31 -17.14 22.70
N SER A 585 -10.47 -17.79 22.83
CA SER A 585 -11.33 -18.25 21.72
C SER A 585 -11.68 -17.09 20.76
N PRO A 586 -11.70 -17.37 19.43
CA PRO A 586 -12.12 -16.30 18.50
C PRO A 586 -13.64 -16.05 18.41
N TRP A 587 -14.46 -16.83 19.15
CA TRP A 587 -15.94 -16.63 19.23
C TRP A 587 -16.46 -16.29 20.63
N ASP B 7 -8.90 13.56 13.01
CA ASP B 7 -8.66 14.91 13.65
C ASP B 7 -7.14 15.15 13.85
N VAL B 8 -6.47 14.30 14.64
CA VAL B 8 -5.00 14.11 14.49
C VAL B 8 -4.70 13.65 13.04
N LEU B 9 -5.42 12.61 12.58
CA LEU B 9 -5.25 12.08 11.22
C LEU B 9 -5.27 13.21 10.18
N SER B 10 -6.17 14.18 10.43
CA SER B 10 -6.38 15.33 9.58
C SER B 10 -5.06 16.07 9.41
N ARG B 11 -4.41 16.39 10.53
CA ARG B 11 -3.17 17.12 10.50
C ARG B 11 -2.14 16.37 9.65
N MET B 12 -1.98 15.09 9.94
CA MET B 12 -1.05 14.25 9.17
C MET B 12 -1.28 14.43 7.66
N ILE B 13 -2.56 14.38 7.25
CA ILE B 13 -2.95 14.54 5.88
C ILE B 13 -2.41 15.87 5.37
N SER B 14 -2.78 16.93 6.09
CA SER B 14 -2.44 18.29 5.66
C SER B 14 -0.93 18.52 5.62
N GLU B 15 -0.20 17.77 6.44
CA GLU B 15 1.26 17.89 6.49
C GLU B 15 1.84 17.29 5.22
N LYS B 16 1.32 16.15 4.83
CA LYS B 16 1.85 15.48 3.69
C LYS B 16 1.60 16.32 2.46
N ALA B 17 0.41 16.90 2.37
CA ALA B 17 0.03 17.67 1.21
C ALA B 17 0.92 18.88 1.10
N ALA B 18 1.10 19.60 2.21
CA ALA B 18 1.93 20.78 2.24
C ALA B 18 3.40 20.47 1.86
N LEU B 19 3.93 19.39 2.42
CA LEU B 19 5.31 19.02 2.14
C LEU B 19 5.51 18.74 0.66
N HIS B 20 4.51 18.06 0.09
CA HIS B 20 4.59 17.70 -1.31
C HIS B 20 4.59 18.94 -2.20
N GLY B 21 3.74 19.92 -1.86
CA GLY B 21 3.59 21.14 -2.63
C GLY B 21 4.89 21.90 -2.63
N LEU B 22 5.60 21.81 -1.51
CA LEU B 22 6.89 22.47 -1.35
C LEU B 22 8.02 21.73 -2.08
N LEU B 23 7.92 20.39 -2.14
CA LEU B 23 8.89 19.61 -2.88
C LEU B 23 8.76 19.89 -4.38
N ASN B 24 7.52 19.99 -4.86
CA ASN B 24 7.25 20.41 -6.24
C ASN B 24 8.05 21.67 -6.55
N CYS B 25 7.87 22.68 -5.68
CA CYS B 25 8.60 23.96 -5.77
C CYS B 25 10.09 23.76 -5.73
N LEU B 26 10.57 22.99 -4.77
CA LEU B 26 12.00 22.70 -4.70
C LEU B 26 12.49 22.15 -6.03
N ILE B 27 11.82 21.12 -6.53
CA ILE B 27 12.34 20.31 -7.60
C ILE B 27 12.21 21.05 -8.91
N LYS B 28 11.02 21.61 -9.13
CA LYS B 28 10.77 22.33 -10.36
C LYS B 28 11.68 23.57 -10.46
N GLU B 29 11.76 24.35 -9.40
CA GLU B 29 12.38 25.66 -9.51
C GLU B 29 13.89 25.68 -9.31
N PHE B 30 14.40 24.73 -8.52
CA PHE B 30 15.83 24.71 -8.19
C PHE B 30 16.52 23.43 -8.66
N ALA B 31 16.02 22.30 -8.16
CA ALA B 31 16.69 21.01 -8.32
C ALA B 31 17.04 20.70 -9.78
N ILE B 32 16.03 20.73 -10.65
CA ILE B 32 16.19 20.45 -12.08
C ILE B 32 16.93 21.52 -12.90
N PRO B 33 16.52 22.80 -12.84
CA PRO B 33 17.22 23.82 -13.65
C PRO B 33 18.72 23.95 -13.35
N GLU B 34 19.10 23.66 -12.10
CA GLU B 34 20.47 23.87 -11.63
C GLU B 34 21.26 22.57 -11.41
N GLY B 35 20.64 21.46 -11.78
CA GLY B 35 21.31 20.15 -11.78
C GLY B 35 21.74 19.59 -10.44
N TYR B 36 20.91 19.74 -9.40
CA TYR B 36 21.21 19.19 -8.07
C TYR B 36 20.55 17.84 -7.77
N LEU B 37 19.92 17.27 -8.79
CA LEU B 37 19.09 16.09 -8.58
C LEU B 37 19.65 14.86 -9.27
N ARG B 38 19.69 13.76 -8.54
CA ARG B 38 20.18 12.48 -9.06
C ARG B 38 19.16 11.41 -8.70
N TYR B 39 18.89 10.49 -9.63
CA TYR B 39 18.16 9.27 -9.34
C TYR B 39 19.14 8.14 -9.03
N GLU B 40 19.51 8.02 -7.76
CA GLU B 40 20.39 6.97 -7.29
C GLU B 40 20.19 6.77 -5.80
N TRP B 41 20.76 5.68 -5.26
CA TRP B 41 20.65 5.41 -3.84
C TRP B 41 21.79 6.08 -3.07
N PRO B 42 21.55 6.45 -1.81
CA PRO B 42 22.63 6.99 -0.98
C PRO B 42 23.76 5.97 -0.69
N ASP B 43 24.98 6.45 -0.40
CA ASP B 43 26.10 5.56 -0.05
C ASP B 43 25.82 4.80 1.23
N GLU B 44 26.04 5.45 2.36
CA GLU B 44 25.56 4.95 3.63
C GLU B 44 24.05 5.20 3.65
N MET B 45 23.31 4.37 4.38
CA MET B 45 21.85 4.55 4.49
C MET B 45 21.29 4.41 5.89
N LYS B 46 22.19 4.27 6.86
CA LYS B 46 21.80 4.30 8.27
C LYS B 46 20.99 5.57 8.55
N GLY B 47 19.78 5.34 9.02
CA GLY B 47 18.84 6.41 9.36
C GLY B 47 17.47 6.17 8.76
N ILE B 48 17.45 5.45 7.64
CA ILE B 48 16.24 5.17 6.88
C ILE B 48 15.72 3.76 7.21
N PRO B 49 14.49 3.65 7.74
CA PRO B 49 13.96 2.31 8.05
C PRO B 49 13.62 1.58 6.74
N PRO B 50 13.90 0.27 6.67
CA PRO B 50 13.77 -0.51 5.44
C PRO B 50 12.38 -0.35 4.80
N GLY B 51 11.36 -0.28 5.66
CA GLY B 51 9.96 -0.01 5.27
C GLY B 51 9.69 1.26 4.47
N ALA B 52 10.63 2.19 4.43
CA ALA B 52 10.37 3.42 3.72
C ALA B 52 10.65 3.32 2.22
N TYR B 53 11.47 2.36 1.82
CA TYR B 53 11.91 2.26 0.43
C TYR B 53 11.80 0.84 -0.08
N PHE B 54 11.41 -0.08 0.81
CA PHE B 54 11.23 -1.48 0.45
C PHE B 54 9.88 -2.02 0.95
N ASP B 55 9.05 -2.55 0.04
CA ASP B 55 7.64 -2.88 0.35
C ASP B 55 7.41 -4.29 0.84
N GLY B 56 8.48 -5.07 0.96
CA GLY B 56 8.37 -6.50 1.20
C GLY B 56 8.78 -7.27 -0.05
N ALA B 57 8.45 -6.70 -1.21
CA ALA B 57 8.66 -7.36 -2.49
C ALA B 57 9.74 -6.66 -3.26
N ASP B 58 9.68 -5.33 -3.27
CA ASP B 58 10.50 -4.53 -4.16
C ASP B 58 10.84 -3.18 -3.55
N TRP B 59 11.74 -2.45 -4.20
CA TRP B 59 11.92 -1.03 -3.91
C TRP B 59 10.61 -0.31 -4.18
N LYS B 60 10.33 0.73 -3.40
CA LYS B 60 9.09 1.48 -3.56
C LYS B 60 9.31 2.56 -4.61
N GLY B 61 9.45 2.14 -5.87
CA GLY B 61 9.77 3.06 -6.96
C GLY B 61 11.26 3.36 -7.04
N ILE B 62 11.58 4.61 -7.39
CA ILE B 62 12.93 5.04 -7.69
C ILE B 62 13.42 5.97 -6.58
N PRO B 63 14.70 5.86 -6.20
CA PRO B 63 15.23 6.73 -5.18
C PRO B 63 15.60 8.10 -5.75
N MET B 64 15.17 9.17 -5.08
CA MET B 64 15.54 10.50 -5.53
C MET B 64 16.43 11.22 -4.53
N MET B 65 17.57 11.69 -5.04
CA MET B 65 18.54 12.39 -4.24
C MET B 65 18.73 13.82 -4.67
N ILE B 66 18.80 14.70 -3.67
CA ILE B 66 19.06 16.11 -3.90
C ILE B 66 20.14 16.64 -2.95
N GLY B 67 21.34 16.83 -3.47
CA GLY B 67 22.41 17.46 -2.72
C GLY B 67 22.27 18.96 -2.90
N LEU B 68 22.25 19.70 -1.80
CA LEU B 68 22.14 21.15 -1.85
C LEU B 68 23.46 21.77 -1.40
N PRO B 69 23.98 22.76 -2.17
CA PRO B 69 25.38 23.34 -1.98
C PRO B 69 25.77 23.90 -0.57
N ASP B 70 24.86 23.76 0.42
CA ASP B 70 25.21 23.93 1.85
C ASP B 70 25.47 22.58 2.56
N GLN B 71 25.66 21.51 1.75
CA GLN B 71 25.93 20.13 2.22
C GLN B 71 24.72 19.39 2.82
N LEU B 72 23.52 19.87 2.50
CA LEU B 72 22.32 19.20 2.91
C LEU B 72 21.94 18.23 1.83
N GLN B 73 21.43 17.07 2.22
CA GLN B 73 21.04 16.06 1.24
C GLN B 73 19.64 15.56 1.53
N LEU B 74 18.83 15.45 0.49
CA LEU B 74 17.46 15.07 0.64
C LEU B 74 17.30 13.74 -0.07
N PHE B 75 16.50 12.86 0.52
CA PHE B 75 16.13 11.59 -0.10
C PHE B 75 14.64 11.34 -0.03
N VAL B 76 14.10 10.82 -1.11
CA VAL B 76 12.69 10.50 -1.16
C VAL B 76 12.45 9.45 -2.27
N MET B 77 11.46 8.60 -2.05
CA MET B 77 11.10 7.65 -3.07
C MET B 77 10.00 8.23 -3.96
N VAL B 78 10.20 8.10 -5.27
CA VAL B 78 9.25 8.64 -6.26
C VAL B 78 8.82 7.55 -7.26
N ASP B 79 7.74 7.81 -7.99
CA ASP B 79 7.22 6.80 -8.91
C ASP B 79 7.77 6.92 -10.35
N ARG B 80 8.37 8.06 -10.69
CA ARG B 80 8.84 8.24 -12.07
C ARG B 80 9.93 9.28 -12.16
N ARG B 81 10.74 9.22 -13.23
CA ARG B 81 11.65 10.30 -13.59
C ARG B 81 10.85 11.25 -14.46
N ASP B 82 10.81 12.53 -14.10
CA ASP B 82 10.00 13.49 -14.86
C ASP B 82 10.70 14.82 -15.12
N THR B 83 10.82 15.23 -16.38
CA THR B 83 11.51 16.49 -16.76
C THR B 83 10.82 17.79 -16.31
N PHE B 84 9.51 17.74 -16.07
CA PHE B 84 8.78 18.86 -15.44
C PHE B 84 8.68 18.65 -13.95
N GLY B 85 9.39 17.64 -13.43
CA GLY B 85 9.32 17.32 -12.01
C GLY B 85 7.89 17.07 -11.51
N SER B 86 7.16 16.21 -12.21
CA SER B 86 5.89 15.71 -11.74
C SER B 86 5.98 14.20 -11.43
N GLN B 87 5.92 13.87 -10.14
CA GLN B 87 6.01 12.50 -9.67
C GLN B 87 5.31 12.37 -8.33
N HIS B 88 4.77 11.21 -8.04
CA HIS B 88 4.29 10.97 -6.68
C HIS B 88 5.45 10.64 -5.78
N TYR B 89 5.32 11.10 -4.55
CA TYR B 89 6.28 10.83 -3.53
C TYR B 89 5.82 9.57 -2.80
N LEU B 90 6.67 8.55 -2.79
CA LEU B 90 6.32 7.21 -2.31
C LEU B 90 6.79 6.92 -0.87
N SER B 91 7.54 7.87 -0.31
CA SER B 91 8.15 7.73 1.00
C SER B 91 8.07 9.04 1.75
N ASP B 92 8.38 9.02 3.05
CA ASP B 92 8.62 10.25 3.80
C ASP B 92 9.96 10.83 3.34
N VAL B 93 10.26 12.06 3.77
CA VAL B 93 11.49 12.71 3.33
C VAL B 93 12.57 12.58 4.38
N TYR B 94 13.75 12.15 3.95
CA TYR B 94 14.95 12.07 4.81
C TYR B 94 16.00 13.13 4.49
N LEU B 95 16.59 13.66 5.55
CA LEU B 95 17.63 14.68 5.46
C LEU B 95 18.89 14.21 6.17
N ARG B 96 20.02 14.80 5.77
CA ARG B 96 21.36 14.37 6.14
C ARG B 96 22.29 15.57 6.02
N GLN B 97 23.31 15.60 6.89
CA GLN B 97 24.25 16.73 7.00
C GLN B 97 25.73 16.26 7.16
N GLY B 100 26.74 12.84 7.64
CA GLY B 100 26.23 11.48 7.92
C GLY B 100 25.01 11.39 8.83
N ASP B 101 24.17 10.38 8.54
CA ASP B 101 22.99 9.98 9.35
C ASP B 101 21.67 10.66 9.01
N TRP B 102 20.84 9.90 8.30
CA TRP B 102 19.52 10.32 7.84
C TRP B 102 18.53 10.52 8.98
N GLN B 103 17.60 11.45 8.78
CA GLN B 103 16.61 11.83 9.77
C GLN B 103 15.30 12.06 9.05
N CYS B 104 14.19 11.76 9.73
CA CYS B 104 12.90 12.27 9.29
C CYS B 104 12.33 13.25 10.33
N PRO B 105 12.47 14.56 10.08
CA PRO B 105 12.06 15.57 11.06
C PRO B 105 10.56 15.83 10.96
N ASP B 106 9.92 16.24 12.05
CA ASP B 106 8.52 16.55 11.92
C ASP B 106 8.34 17.67 10.94
N PHE B 107 7.09 17.90 10.59
CA PHE B 107 6.72 18.92 9.64
C PHE B 107 7.52 20.22 9.86
N GLU B 108 7.23 20.90 10.97
CA GLU B 108 7.76 22.24 11.22
C GLU B 108 9.27 22.34 11.04
N PRO B 109 10.05 21.49 11.75
CA PRO B 109 11.50 21.46 11.55
C PRO B 109 11.91 21.19 10.09
N LEU B 110 11.11 20.38 9.40
CA LEU B 110 11.50 19.93 8.06
C LEU B 110 11.39 21.09 7.09
N VAL B 111 10.21 21.68 7.04
CA VAL B 111 9.95 22.87 6.26
C VAL B 111 11.07 23.89 6.53
N ALA B 112 11.36 24.14 7.80
CA ALA B 112 12.33 25.18 8.16
C ALA B 112 13.64 24.94 7.42
N ARG B 113 14.15 23.71 7.55
CA ARG B 113 15.43 23.27 6.96
C ARG B 113 15.44 23.35 5.43
N LEU B 114 14.35 22.89 4.83
CA LEU B 114 14.17 22.94 3.37
C LEU B 114 14.13 24.36 2.82
N LEU B 115 13.58 25.26 3.61
CA LEU B 115 13.55 26.65 3.26
C LEU B 115 14.96 27.22 3.40
N ALA B 116 15.60 26.95 4.54
CA ALA B 116 16.97 27.36 4.79
C ALA B 116 17.86 26.97 3.60
N ALA B 117 17.52 25.88 2.93
CA ALA B 117 18.31 25.40 1.79
C ALA B 117 18.15 26.33 0.61
N CYS B 118 16.89 26.59 0.25
CA CYS B 118 16.59 27.55 -0.79
C CYS B 118 17.10 28.96 -0.50
N GLU B 119 16.81 29.50 0.69
CA GLU B 119 17.38 30.78 1.11
C GLU B 119 18.91 30.85 0.92
N HIS B 120 19.57 29.71 1.07
CA HIS B 120 21.00 29.64 0.86
C HIS B 120 21.35 29.75 -0.62
N ILE B 121 20.62 29.04 -1.48
CA ILE B 121 20.86 29.14 -2.91
C ILE B 121 20.65 30.59 -3.38
N ALA B 122 19.48 31.11 -3.03
CA ALA B 122 19.06 32.43 -3.44
C ALA B 122 19.86 33.53 -2.76
N GLY B 123 20.53 33.18 -1.67
CA GLY B 123 21.31 34.17 -0.90
C GLY B 123 20.47 35.14 -0.12
N ARG B 124 19.17 34.87 0.01
CA ARG B 124 18.23 35.78 0.66
C ARG B 124 17.17 35.08 1.50
N LYS B 125 16.79 35.68 2.62
CA LYS B 125 15.84 35.06 3.55
C LYS B 125 14.42 35.63 3.51
N ASN B 126 13.46 34.78 3.86
CA ASN B 126 12.05 35.18 3.99
C ASN B 126 11.35 34.45 5.14
N PRO B 127 11.55 34.91 6.41
CA PRO B 127 10.80 34.35 7.57
C PRO B 127 9.30 34.59 7.49
N GLU B 128 8.92 35.54 6.65
CA GLU B 128 7.55 35.87 6.41
C GLU B 128 6.98 34.72 5.65
N LEU B 129 7.77 34.17 4.73
CA LEU B 129 7.30 33.01 3.95
C LEU B 129 7.05 31.79 4.82
N TYR B 130 8.02 31.51 5.67
CA TYR B 130 7.95 30.37 6.58
C TYR B 130 6.66 30.40 7.46
N GLU B 131 6.32 31.58 7.95
CA GLU B 131 5.09 31.75 8.70
C GLU B 131 3.90 31.37 7.84
N GLN B 132 3.87 31.90 6.63
CA GLN B 132 2.78 31.65 5.69
C GLN B 132 2.67 30.15 5.32
N ILE B 133 3.82 29.47 5.18
CA ILE B 133 3.79 28.03 4.94
C ILE B 133 3.07 27.35 6.09
N LEU B 134 3.48 27.65 7.32
CA LEU B 134 2.86 27.08 8.50
C LEU B 134 1.39 27.43 8.57
N GLN B 135 1.06 28.68 8.27
CA GLN B 135 -0.34 29.15 8.38
C GLN B 135 -1.21 28.43 7.36
N SER B 136 -0.67 28.19 6.17
CA SER B 136 -1.41 27.54 5.09
C SER B 136 -1.70 26.08 5.42
N GLN B 137 -0.71 25.39 5.94
CA GLN B 137 -0.89 24.01 6.34
C GLN B 137 -1.94 23.85 7.48
N ARG B 138 -1.99 24.79 8.42
CA ARG B 138 -2.85 24.65 9.59
C ARG B 138 -4.30 24.91 9.23
N LEU B 139 -4.52 25.60 8.12
CA LEU B 139 -5.86 25.74 7.58
C LEU B 139 -6.24 24.48 6.83
N VAL B 140 -5.26 23.85 6.17
CA VAL B 140 -5.55 22.62 5.43
C VAL B 140 -5.90 21.54 6.43
N SER B 141 -5.31 21.60 7.62
CA SER B 141 -5.70 20.69 8.66
C SER B 141 -7.15 20.94 9.08
N ALA B 142 -7.52 22.19 9.23
CA ALA B 142 -8.91 22.52 9.53
C ALA B 142 -9.83 22.02 8.41
N ILE B 143 -9.42 22.30 7.16
CA ILE B 143 -10.18 21.89 5.98
C ILE B 143 -10.39 20.38 5.95
N VAL B 144 -9.31 19.59 6.01
CA VAL B 144 -9.44 18.13 5.95
C VAL B 144 -10.31 17.58 7.09
N SER B 145 -10.27 18.27 8.21
CA SER B 145 -11.02 17.88 9.41
C SER B 145 -12.51 18.11 9.27
N HIS B 146 -12.89 19.19 8.61
CA HIS B 146 -14.29 19.51 8.34
C HIS B 146 -14.86 18.61 7.26
N ASN B 147 -14.11 18.36 6.19
CA ASN B 147 -14.62 17.58 5.07
C ASN B 147 -14.15 16.14 5.02
N GLY B 148 -13.43 15.68 6.05
CA GLY B 148 -12.77 14.38 6.05
C GLY B 148 -13.69 13.16 6.02
N ARG B 149 -14.99 13.38 6.26
CA ARG B 149 -15.90 12.26 6.38
C ARG B 149 -16.73 12.01 5.14
N GLN B 150 -16.61 12.94 4.19
CA GLN B 150 -17.23 12.85 2.87
C GLN B 150 -16.60 11.76 2.03
N ARG B 151 -17.35 11.29 1.04
CA ARG B 151 -16.79 10.38 0.05
C ARG B 151 -15.74 11.19 -0.73
N ALA B 152 -14.56 10.61 -0.86
CA ALA B 152 -13.39 11.31 -1.37
C ALA B 152 -13.58 12.04 -2.70
N ASP B 153 -14.56 11.65 -3.50
CA ASP B 153 -14.69 12.22 -4.83
C ASP B 153 -15.92 13.10 -4.97
N ALA B 154 -16.50 13.45 -3.83
CA ALA B 154 -17.65 14.36 -3.82
C ALA B 154 -17.39 15.69 -4.54
N PRO B 155 -16.16 16.24 -4.49
CA PRO B 155 -15.91 17.50 -5.16
C PRO B 155 -16.14 17.49 -6.67
N LEU B 156 -16.24 16.32 -7.28
CA LEU B 156 -16.47 16.32 -8.74
C LEU B 156 -17.91 15.99 -9.14
N GLN B 157 -18.82 16.02 -8.17
CA GLN B 157 -20.23 15.69 -8.40
C GLN B 157 -21.06 16.90 -8.80
N HIS B 158 -20.50 18.10 -8.66
CA HIS B 158 -21.20 19.34 -8.97
C HIS B 158 -20.21 20.52 -9.02
N TYR B 159 -20.50 21.48 -9.88
CA TYR B 159 -19.60 22.62 -10.06
C TYR B 159 -19.22 23.37 -8.76
N LEU B 160 -20.19 23.65 -7.90
CA LEU B 160 -19.89 24.39 -6.68
C LEU B 160 -19.06 23.52 -5.74
N GLN B 161 -19.35 22.23 -5.74
CA GLN B 161 -18.56 21.30 -4.94
C GLN B 161 -17.15 21.30 -5.48
N SER B 162 -17.00 21.43 -6.80
CA SER B 162 -15.68 21.51 -7.42
C SER B 162 -14.93 22.80 -7.07
N GLU B 163 -15.65 23.86 -6.77
CA GLU B 163 -14.98 25.09 -6.35
C GLU B 163 -14.65 25.00 -4.89
N GLN B 164 -15.50 24.35 -4.13
CA GLN B 164 -15.36 24.31 -2.70
C GLN B 164 -14.46 23.21 -2.28
N GLY B 165 -13.96 22.42 -3.24
CA GLY B 165 -13.27 21.17 -2.91
C GLY B 165 -11.83 21.10 -3.30
N LEU B 166 -11.21 22.24 -3.60
CA LEU B 166 -9.79 22.26 -3.88
C LEU B 166 -9.04 22.36 -2.57
N TRP B 167 -9.19 21.32 -1.76
CA TRP B 167 -8.63 21.26 -0.41
C TRP B 167 -7.22 21.82 -0.25
N PHE B 168 -6.30 21.46 -1.16
CA PHE B 168 -4.87 21.79 -1.03
C PHE B 168 -4.42 22.92 -1.93
N GLY B 169 -5.33 23.46 -2.73
CA GLY B 169 -5.01 24.61 -3.56
C GLY B 169 -3.92 24.29 -4.54
N HIS B 170 -3.18 25.31 -4.95
CA HIS B 170 -2.20 25.19 -6.00
C HIS B 170 -1.27 24.10 -5.56
N PRO B 171 -1.05 23.09 -6.40
CA PRO B 171 -0.23 21.94 -5.97
C PRO B 171 1.29 22.18 -6.07
N SER B 172 1.71 23.29 -6.67
CA SER B 172 3.12 23.64 -6.71
C SER B 172 3.38 25.03 -6.15
N HIS B 173 3.02 25.21 -4.88
CA HIS B 173 3.12 26.49 -4.18
C HIS B 173 3.44 26.26 -2.71
N PRO B 174 4.36 27.05 -2.14
CA PRO B 174 4.74 26.84 -0.74
C PRO B 174 3.62 26.99 0.28
N ALA B 175 2.67 27.89 0.02
CA ALA B 175 1.57 28.19 0.98
C ALA B 175 0.25 28.55 0.30
N PRO B 176 -0.35 27.58 -0.42
CA PRO B 176 -1.48 27.80 -1.32
C PRO B 176 -2.72 28.38 -0.64
N LYS B 177 -2.89 28.10 0.65
CA LYS B 177 -4.09 28.48 1.40
C LYS B 177 -3.79 29.52 2.45
N ALA B 178 -2.61 30.13 2.31
CA ALA B 178 -2.31 31.31 3.10
C ALA B 178 -3.16 32.47 2.56
N ARG B 179 -4.11 32.91 3.37
CA ARG B 179 -4.97 34.05 3.04
C ARG B 179 -4.83 35.06 4.18
N LEU B 180 -4.21 36.21 3.90
CA LEU B 180 -3.75 37.11 4.96
C LEU B 180 -4.58 38.39 5.10
N TRP B 181 -5.63 38.32 5.90
CA TRP B 181 -6.40 39.50 6.20
C TRP B 181 -6.38 39.74 7.69
N PRO B 182 -6.61 40.98 8.12
CA PRO B 182 -6.78 41.22 9.53
C PRO B 182 -7.48 40.03 10.20
N ALA B 183 -6.74 39.38 11.08
CA ALA B 183 -7.12 38.06 11.57
C ALA B 183 -8.37 38.08 12.44
N HIS B 184 -8.67 39.19 13.08
CA HIS B 184 -9.87 39.25 13.90
C HIS B 184 -11.13 39.00 13.07
N LEU B 185 -10.95 38.81 11.76
CA LEU B 185 -12.08 38.60 10.86
C LEU B 185 -12.35 37.12 10.51
N GLY B 186 -11.43 36.22 10.86
CA GLY B 186 -11.64 34.77 10.66
C GLY B 186 -11.42 34.24 9.25
N GLN B 187 -11.43 32.92 9.14
CA GLN B 187 -11.14 32.26 7.88
C GLN B 187 -12.38 31.56 7.34
N GLU B 188 -12.97 30.72 8.18
CA GLU B 188 -14.17 29.95 7.86
C GLU B 188 -15.29 30.73 7.17
N GLN B 189 -15.54 31.96 7.61
CA GLN B 189 -16.65 32.70 7.03
C GLN B 189 -16.43 33.07 5.58
N TRP B 190 -15.19 32.92 5.09
CA TRP B 190 -14.84 33.32 3.72
C TRP B 190 -14.19 32.18 2.98
N ALA B 191 -14.22 31.01 3.59
CA ALA B 191 -13.53 29.88 3.06
C ALA B 191 -14.50 29.01 2.25
N PRO B 192 -14.26 28.85 0.92
CA PRO B 192 -15.07 27.91 0.16
C PRO B 192 -15.02 26.52 0.75
N GLU B 193 -13.92 26.16 1.37
CA GLU B 193 -13.75 24.78 1.84
C GLU B 193 -14.64 24.45 3.02
N PHE B 194 -15.26 25.48 3.58
CA PHE B 194 -16.22 25.34 4.67
C PHE B 194 -17.63 25.60 4.20
N GLN B 195 -17.80 25.62 2.88
CA GLN B 195 -19.10 25.93 2.31
C GLN B 195 -19.59 27.32 2.70
N ALA B 196 -18.67 28.27 2.88
CA ALA B 196 -19.08 29.61 3.28
C ALA B 196 -20.18 30.22 2.40
N ARG B 197 -21.02 31.01 3.04
CA ARG B 197 -22.03 31.78 2.35
C ARG B 197 -22.17 33.09 3.13
N ALA B 198 -22.32 34.19 2.42
CA ALA B 198 -22.36 35.48 3.08
C ALA B 198 -23.15 36.42 2.23
N ALA B 199 -23.98 37.24 2.84
CA ALA B 199 -24.57 38.34 2.08
C ALA B 199 -23.35 39.24 1.78
N LEU B 200 -23.15 39.70 0.55
CA LEU B 200 -22.07 40.65 0.22
C LEU B 200 -22.23 42.00 0.96
N HIS B 201 -21.17 42.79 1.02
CA HIS B 201 -21.26 44.09 1.67
C HIS B 201 -21.67 45.11 0.65
N GLN B 202 -22.46 46.07 1.11
CA GLN B 202 -23.12 47.05 0.26
C GLN B 202 -23.02 48.49 0.75
N PHE B 203 -22.83 49.39 -0.22
CA PHE B 203 -22.77 50.81 -0.01
C PHE B 203 -23.81 51.50 -0.88
N GLU B 204 -24.31 52.65 -0.44
CA GLU B 204 -25.07 53.55 -1.31
C GLU B 204 -24.16 54.66 -1.79
N VAL B 205 -24.07 54.86 -3.11
CA VAL B 205 -23.18 55.88 -3.68
C VAL B 205 -23.88 56.76 -4.72
N PRO B 206 -23.49 58.05 -4.83
CA PRO B 206 -24.19 58.89 -5.81
C PRO B 206 -23.79 58.51 -7.22
N VAL B 207 -24.78 58.50 -8.11
CA VAL B 207 -24.62 57.94 -9.44
C VAL B 207 -23.52 58.63 -10.24
N ASP B 208 -23.29 59.89 -9.92
CA ASP B 208 -22.35 60.74 -10.65
C ASP B 208 -20.89 60.32 -10.49
N GLY B 209 -20.64 59.33 -9.65
CA GLY B 209 -19.27 58.86 -9.44
C GLY B 209 -18.95 57.49 -10.00
N LEU B 210 -19.92 56.93 -10.73
CA LEU B 210 -19.85 55.56 -11.22
C LEU B 210 -19.19 55.46 -12.56
N HIS B 211 -18.31 54.49 -12.71
CA HIS B 211 -17.70 54.18 -14.01
C HIS B 211 -18.17 52.77 -14.37
N ILE B 212 -19.09 52.71 -15.31
CA ILE B 212 -19.69 51.46 -15.73
C ILE B 212 -19.33 51.18 -17.19
N GLY B 213 -18.77 49.99 -17.41
CA GLY B 213 -18.69 49.38 -18.74
C GLY B 213 -19.77 48.30 -18.87
N ALA B 214 -20.31 48.15 -20.07
CA ALA B 214 -21.36 47.15 -20.27
C ALA B 214 -21.43 46.79 -21.73
N ASN B 215 -21.73 45.52 -22.00
CA ASN B 215 -21.79 45.00 -23.36
C ASN B 215 -23.06 44.22 -23.53
N GLY B 216 -23.96 44.76 -24.35
CA GLY B 216 -25.31 44.20 -24.45
C GLY B 216 -26.13 44.27 -23.16
N LEU B 217 -25.79 45.22 -22.29
CA LEU B 217 -26.49 45.45 -21.04
C LEU B 217 -26.54 46.95 -20.79
N THR B 218 -27.61 47.43 -20.20
CA THR B 218 -27.65 48.84 -19.82
C THR B 218 -26.78 48.96 -18.58
N PRO B 219 -26.14 50.13 -18.41
CA PRO B 219 -25.52 50.35 -17.12
C PRO B 219 -26.45 49.92 -15.98
N GLN B 220 -27.72 50.34 -16.00
CA GLN B 220 -28.68 49.93 -14.97
C GLN B 220 -28.67 48.45 -14.69
N GLN B 221 -28.67 47.66 -15.76
CA GLN B 221 -28.69 46.20 -15.66
C GLN B 221 -27.43 45.65 -15.07
N VAL B 222 -26.32 46.35 -15.32
CA VAL B 222 -25.05 45.93 -14.72
C VAL B 222 -25.17 46.07 -13.20
N LEU B 223 -25.65 47.22 -12.72
CA LEU B 223 -25.92 47.43 -11.30
C LEU B 223 -26.84 46.34 -10.77
N ASP B 224 -27.92 46.02 -11.50
CA ASP B 224 -28.85 44.98 -11.08
C ASP B 224 -28.14 43.67 -10.82
N GLY B 225 -27.18 43.36 -11.70
CA GLY B 225 -26.38 42.14 -11.60
C GLY B 225 -25.70 42.00 -10.25
N PHE B 226 -25.14 43.10 -9.77
CA PHE B 226 -24.38 43.10 -8.53
C PHE B 226 -25.27 43.15 -7.28
N ALA B 227 -26.37 43.90 -7.36
CA ALA B 227 -27.14 44.26 -6.19
C ALA B 227 -28.50 44.83 -6.58
N ASP B 228 -29.49 44.48 -5.78
CA ASP B 228 -30.84 44.95 -5.92
C ASP B 228 -30.83 46.46 -5.75
N GLN B 229 -31.25 47.20 -6.77
CA GLN B 229 -31.10 48.65 -6.78
C GLN B 229 -32.21 49.39 -6.08
N GLN B 230 -33.23 48.67 -5.64
CA GLN B 230 -34.42 49.29 -5.07
C GLN B 230 -34.17 50.16 -3.80
N PRO B 231 -33.44 49.63 -2.81
CA PRO B 231 -33.15 50.49 -1.64
C PRO B 231 -32.35 51.78 -1.91
N ALA B 232 -32.02 52.06 -3.18
CA ALA B 232 -31.27 53.28 -3.51
C ALA B 232 -32.17 54.51 -3.60
N SER B 233 -31.82 55.55 -2.86
CA SER B 233 -32.55 56.83 -2.94
C SER B 233 -32.19 57.54 -4.24
N PRO B 234 -33.03 58.48 -4.69
CA PRO B 234 -32.74 59.11 -5.98
C PRO B 234 -31.30 59.62 -6.11
N GLY B 235 -30.78 59.59 -7.34
CA GLY B 235 -29.40 60.02 -7.65
C GLY B 235 -28.36 59.08 -7.09
N HIS B 236 -28.81 57.92 -6.63
CA HIS B 236 -27.94 56.99 -5.93
C HIS B 236 -28.11 55.56 -6.45
N ALA B 237 -27.10 54.72 -6.18
CA ALA B 237 -27.11 53.33 -6.59
C ALA B 237 -26.43 52.48 -5.51
N ILE B 238 -26.65 51.15 -5.55
CA ILE B 238 -26.02 50.23 -4.59
C ILE B 238 -24.87 49.40 -5.18
N ILE B 239 -23.69 49.50 -4.56
CA ILE B 239 -22.54 48.72 -4.97
C ILE B 239 -22.24 47.70 -3.87
N CYS B 240 -21.67 46.57 -4.25
CA CYS B 240 -21.35 45.51 -3.31
C CYS B 240 -19.87 45.18 -3.37
N MET B 241 -19.33 44.59 -2.30
CA MET B 241 -17.95 44.11 -2.31
C MET B 241 -17.70 43.09 -1.21
N HIS B 242 -16.52 42.45 -1.23
CA HIS B 242 -16.18 41.39 -0.30
C HIS B 242 -16.30 41.99 1.07
N PRO B 243 -16.99 41.30 2.01
CA PRO B 243 -17.12 41.89 3.36
C PRO B 243 -15.73 42.23 3.96
N VAL B 244 -14.76 41.34 3.75
CA VAL B 244 -13.38 41.60 4.15
C VAL B 244 -12.87 42.92 3.55
N GLN B 245 -13.10 43.11 2.25
CA GLN B 245 -12.62 44.27 1.50
C GLN B 245 -13.30 45.57 1.96
N ALA B 246 -14.54 45.46 2.42
CA ALA B 246 -15.30 46.59 2.93
C ALA B 246 -14.74 47.03 4.26
N GLN B 247 -14.33 46.06 5.08
CA GLN B 247 -13.64 46.35 6.33
C GLN B 247 -12.38 47.17 6.08
N LEU B 248 -11.54 46.65 5.15
CA LEU B 248 -10.31 47.34 4.72
C LEU B 248 -10.59 48.72 4.17
N PHE B 249 -11.55 48.80 3.24
CA PHE B 249 -11.95 50.04 2.61
C PHE B 249 -12.25 51.11 3.65
N MET B 250 -12.93 50.72 4.73
CA MET B 250 -13.38 51.70 5.71
C MET B 250 -12.31 52.21 6.70
N GLN B 251 -11.12 51.62 6.70
CA GLN B 251 -10.04 52.12 7.57
C GLN B 251 -9.58 53.46 7.05
N ASP B 252 -9.66 53.61 5.73
CA ASP B 252 -9.06 54.73 5.08
C ASP B 252 -9.82 56.03 5.38
N ALA B 253 -9.09 57.06 5.80
CA ALA B 253 -9.72 58.32 6.21
C ALA B 253 -10.57 58.92 5.11
N ARG B 254 -10.27 58.57 3.87
CA ARG B 254 -10.99 59.17 2.75
C ARG B 254 -12.42 58.65 2.81
N VAL B 255 -12.55 57.38 3.20
CA VAL B 255 -13.85 56.74 3.34
C VAL B 255 -14.54 57.14 4.65
N GLN B 256 -13.77 57.21 5.74
CA GLN B 256 -14.29 57.78 6.98
C GLN B 256 -14.92 59.13 6.71
N GLN B 257 -14.27 59.94 5.85
CA GLN B 257 -14.71 61.30 5.57
C GLN B 257 -16.04 61.31 4.83
N LEU B 258 -16.18 60.45 3.81
CA LEU B 258 -17.42 60.41 3.04
C LEU B 258 -18.57 59.81 3.83
N LEU B 259 -18.26 58.92 4.78
CA LEU B 259 -19.29 58.35 5.67
C LEU B 259 -19.80 59.40 6.63
N ARG B 260 -18.88 60.14 7.26
CA ARG B 260 -19.23 61.27 8.11
C ARG B 260 -20.05 62.39 7.40
N ASP B 261 -19.62 62.82 6.22
CA ASP B 261 -20.37 63.81 5.41
C ASP B 261 -21.59 63.22 4.72
N ASN B 262 -21.92 61.96 5.03
CA ASN B 262 -23.07 61.30 4.41
C ASN B 262 -23.07 61.28 2.91
N VAL B 263 -21.91 61.47 2.28
CA VAL B 263 -21.88 61.39 0.82
C VAL B 263 -22.17 59.94 0.38
N ILE B 264 -21.65 58.97 1.15
CA ILE B 264 -22.00 57.54 0.99
C ILE B 264 -22.50 56.92 2.30
N ARG B 265 -23.08 55.73 2.20
CA ARG B 265 -23.61 55.04 3.35
C ARG B 265 -23.05 53.64 3.46
N ASP B 266 -22.70 53.26 4.68
CA ASP B 266 -22.48 51.85 4.99
C ASP B 266 -23.84 51.12 5.16
N LEU B 267 -24.27 50.37 4.15
CA LEU B 267 -25.34 49.39 4.32
C LEU B 267 -24.59 48.18 4.87
N GLY B 268 -25.24 47.20 5.45
CA GLY B 268 -24.40 46.19 6.09
C GLY B 268 -23.91 45.13 5.12
N GLN B 269 -23.82 43.92 5.67
CA GLN B 269 -23.93 42.69 4.88
C GLN B 269 -25.42 42.49 4.55
N SER B 270 -25.86 43.27 3.55
CA SER B 270 -27.26 43.34 3.06
C SER B 270 -27.40 42.94 1.58
N GLY B 271 -26.27 42.61 0.95
CA GLY B 271 -26.23 42.16 -0.44
C GLY B 271 -26.71 40.74 -0.62
N ARG B 272 -26.59 40.22 -1.84
CA ARG B 272 -27.01 38.87 -2.17
C ARG B 272 -26.15 37.93 -1.33
N VAL B 273 -26.74 36.82 -0.85
CA VAL B 273 -25.99 35.74 -0.18
C VAL B 273 -25.35 34.85 -1.25
N ALA B 274 -24.05 34.65 -1.15
CA ALA B 274 -23.34 33.87 -2.16
C ALA B 274 -22.20 33.07 -1.54
N SER B 275 -21.57 32.24 -2.38
CA SER B 275 -20.49 31.38 -1.97
C SER B 275 -19.23 31.74 -2.77
N PRO B 276 -18.12 32.00 -2.07
CA PRO B 276 -16.88 32.33 -2.78
C PRO B 276 -16.31 31.08 -3.45
N THR B 277 -15.77 31.23 -4.66
CA THR B 277 -15.18 30.13 -5.41
C THR B 277 -13.71 29.99 -5.01
N ALA B 278 -12.97 29.04 -5.57
CA ALA B 278 -11.58 28.85 -5.11
C ALA B 278 -10.65 30.07 -5.35
N SER B 279 -11.07 31.01 -6.22
CA SER B 279 -10.35 32.27 -6.44
C SER B 279 -10.60 33.26 -5.30
N ILE B 280 -11.50 32.86 -4.38
CA ILE B 280 -11.84 33.58 -3.11
C ILE B 280 -12.65 34.87 -3.26
N ARG B 281 -12.28 35.71 -4.22
CA ARG B 281 -12.89 37.01 -4.36
C ARG B 281 -14.06 36.97 -5.37
N THR B 282 -14.19 35.83 -6.08
CA THR B 282 -15.29 35.61 -7.02
C THR B 282 -16.35 34.74 -6.37
N TRP B 283 -17.59 35.20 -6.43
CA TRP B 283 -18.67 34.63 -5.69
C TRP B 283 -19.65 33.94 -6.62
N PHE B 284 -20.24 32.88 -6.14
CA PHE B 284 -21.22 32.16 -6.94
C PHE B 284 -22.62 32.20 -6.27
N ILE B 285 -23.63 32.48 -7.09
CA ILE B 285 -25.00 32.43 -6.65
C ILE B 285 -25.71 31.45 -7.57
N ASP B 286 -26.23 30.37 -6.98
CA ASP B 286 -26.96 29.36 -7.74
C ASP B 286 -28.15 30.03 -8.42
N ASP B 287 -28.38 29.69 -9.68
CA ASP B 287 -29.52 30.26 -10.41
C ASP B 287 -29.59 31.80 -10.30
N HIS B 288 -28.50 32.44 -10.70
CA HIS B 288 -28.45 33.85 -10.91
C HIS B 288 -27.57 33.89 -12.13
N ASP B 289 -27.79 34.86 -13.02
CA ASP B 289 -27.05 34.88 -14.28
C ASP B 289 -25.58 35.19 -14.15
N TYR B 290 -25.15 35.65 -12.97
CA TYR B 290 -23.78 36.14 -12.82
C TYR B 290 -22.98 35.59 -11.66
N PHE B 291 -21.70 35.37 -11.92
CA PHE B 291 -20.70 35.37 -10.86
C PHE B 291 -20.47 36.83 -10.54
N ILE B 292 -20.05 37.11 -9.31
CA ILE B 292 -19.63 38.46 -8.89
C ILE B 292 -18.14 38.49 -8.48
N LYS B 293 -17.36 39.24 -9.24
CA LYS B 293 -15.93 39.36 -9.03
C LYS B 293 -15.70 40.71 -8.42
N GLY B 294 -14.84 40.77 -7.39
CA GLY B 294 -14.51 42.03 -6.73
C GLY B 294 -13.07 42.11 -6.25
N SER B 295 -12.63 43.33 -5.97
CA SER B 295 -11.28 43.55 -5.48
C SER B 295 -11.15 43.06 -4.05
N LEU B 296 -9.96 42.52 -3.77
CA LEU B 296 -9.58 42.18 -2.42
C LEU B 296 -8.10 42.53 -2.25
N ASN B 297 -7.84 43.56 -1.44
CA ASN B 297 -6.48 43.97 -1.08
C ASN B 297 -5.81 43.05 -0.10
N VAL B 298 -5.74 41.77 -0.43
CA VAL B 298 -5.12 40.80 0.45
C VAL B 298 -4.27 39.91 -0.46
N ARG B 299 -3.10 39.53 0.03
CA ARG B 299 -2.26 38.60 -0.70
C ARG B 299 -2.81 37.18 -0.59
N ILE B 300 -2.86 36.54 -1.75
CA ILE B 300 -3.42 35.21 -1.89
C ILE B 300 -2.54 34.49 -2.91
N THR B 301 -1.83 33.43 -2.46
CA THR B 301 -0.76 32.77 -3.24
C THR B 301 0.17 33.78 -3.97
N ASN B 302 0.65 34.80 -3.25
CA ASN B 302 1.62 35.81 -3.81
C ASN B 302 1.06 37.14 -4.25
N CYS B 303 0.04 37.12 -5.09
CA CYS B 303 -0.61 38.36 -5.51
C CYS B 303 -1.51 38.98 -4.44
N VAL B 304 -1.62 40.30 -4.49
CA VAL B 304 -2.75 41.01 -3.91
C VAL B 304 -3.79 40.95 -5.02
N ARG B 305 -5.03 40.61 -4.67
CA ARG B 305 -6.09 40.40 -5.66
C ARG B 305 -6.95 41.65 -5.87
N LYS B 306 -6.29 42.77 -6.14
CA LYS B 306 -7.03 43.94 -6.54
C LYS B 306 -7.07 44.03 -8.06
N ASN B 307 -7.96 44.87 -8.56
CA ASN B 307 -8.09 45.11 -9.98
C ASN B 307 -8.01 46.62 -10.21
N ALA B 308 -6.96 47.05 -10.90
CA ALA B 308 -6.70 48.47 -11.13
C ALA B 308 -7.71 49.05 -12.11
N TRP B 309 -7.77 50.39 -12.19
CA TRP B 309 -8.78 51.07 -13.01
C TRP B 309 -8.75 50.65 -14.49
N TYR B 310 -7.57 50.69 -15.11
CA TYR B 310 -7.41 50.37 -16.53
C TYR B 310 -7.66 48.89 -16.81
N GLU B 311 -7.55 48.06 -15.76
CA GLU B 311 -7.84 46.64 -15.81
C GLU B 311 -9.33 46.43 -15.83
N LEU B 312 -10.04 47.13 -14.94
CA LEU B 312 -11.49 47.18 -14.97
C LEU B 312 -11.98 47.49 -16.37
N GLU B 313 -11.29 48.40 -17.05
CA GLU B 313 -11.70 48.77 -18.40
C GLU B 313 -11.12 47.95 -19.54
N SER B 314 -9.96 47.31 -19.31
CA SER B 314 -9.50 46.19 -20.14
C SER B 314 -10.63 45.17 -20.36
N THR B 315 -11.16 44.66 -19.25
CA THR B 315 -12.25 43.69 -19.24
C THR B 315 -13.37 43.98 -20.26
N VAL B 316 -13.88 45.22 -20.27
CA VAL B 316 -14.94 45.61 -21.20
C VAL B 316 -14.49 45.40 -22.66
N LEU B 317 -13.25 45.77 -22.99
CA LEU B 317 -12.73 45.58 -24.34
C LEU B 317 -12.51 44.13 -24.71
N ILE B 318 -11.97 43.34 -23.78
CA ILE B 318 -11.76 41.91 -24.00
C ILE B 318 -13.10 41.23 -24.25
N ASP B 319 -14.06 41.47 -23.37
CA ASP B 319 -15.38 40.88 -23.52
C ASP B 319 -16.02 41.23 -24.85
N ARG B 320 -15.94 42.51 -25.20
CA ARG B 320 -16.40 43.04 -26.49
C ARG B 320 -15.66 42.38 -27.65
N LEU B 321 -14.36 42.19 -27.52
CA LEU B 321 -13.59 41.51 -28.54
C LEU B 321 -14.08 40.07 -28.74
N PHE B 322 -14.32 39.36 -27.65
CA PHE B 322 -14.74 37.96 -27.74
C PHE B 322 -16.07 37.77 -28.47
N ARG B 323 -17.01 38.65 -28.18
CA ARG B 323 -18.31 38.66 -28.86
C ARG B 323 -18.12 38.79 -30.37
N GLN B 324 -17.27 39.73 -30.79
CA GLN B 324 -16.95 39.95 -32.20
C GLN B 324 -16.38 38.71 -32.87
N LEU B 325 -15.42 38.06 -32.20
CA LEU B 325 -14.76 36.85 -32.71
C LEU B 325 -15.69 35.63 -32.85
N LEU B 326 -16.46 35.36 -31.79
CA LEU B 326 -17.47 34.31 -31.80
C LEU B 326 -18.51 34.52 -32.92
N ASP B 327 -18.89 35.77 -33.14
CA ASP B 327 -19.83 36.10 -34.21
C ASP B 327 -19.21 35.84 -35.57
N GLN B 328 -18.34 36.76 -35.99
CA GLN B 328 -17.77 36.82 -37.36
C GLN B 328 -16.63 35.86 -37.66
N HIS B 329 -15.98 35.29 -36.65
CA HIS B 329 -14.80 34.46 -36.85
C HIS B 329 -14.89 33.11 -36.14
N ALA B 330 -16.11 32.59 -36.00
CA ALA B 330 -16.36 31.33 -35.31
C ALA B 330 -15.54 30.16 -35.86
N ASP B 331 -15.44 30.03 -37.19
CA ASP B 331 -14.82 28.84 -37.68
C ASP B 331 -13.28 28.85 -37.63
N THR B 332 -12.71 29.77 -36.85
CA THR B 332 -11.25 29.86 -36.64
C THR B 332 -10.84 30.05 -35.15
N LEU B 333 -11.78 29.85 -34.23
CA LEU B 333 -11.48 29.93 -32.81
C LEU B 333 -11.38 28.52 -32.16
N GLY B 334 -11.26 27.50 -33.01
CA GLY B 334 -11.02 26.12 -32.57
C GLY B 334 -12.07 25.49 -31.65
N GLY B 335 -13.31 25.95 -31.75
CA GLY B 335 -14.41 25.44 -30.91
C GLY B 335 -14.35 25.98 -29.50
N LEU B 336 -13.89 27.22 -29.38
CA LEU B 336 -13.87 27.94 -28.12
C LEU B 336 -15.24 28.12 -27.45
N VAL B 337 -15.25 27.82 -26.14
CA VAL B 337 -16.30 28.22 -25.21
C VAL B 337 -15.56 29.05 -24.18
N ALA B 338 -16.05 30.27 -23.96
CA ALA B 338 -15.50 31.18 -22.93
C ALA B 338 -16.60 31.89 -22.15
N ALA B 339 -16.36 32.11 -20.86
CA ALA B 339 -17.36 32.76 -19.99
C ALA B 339 -17.34 34.25 -20.18
N ALA B 340 -18.47 34.80 -20.64
CA ALA B 340 -18.57 36.24 -20.88
C ALA B 340 -18.37 37.04 -19.59
N GLU B 341 -17.76 38.21 -19.72
CA GLU B 341 -17.69 39.14 -18.62
C GLU B 341 -18.24 40.46 -19.15
N PRO B 342 -19.57 40.56 -19.25
CA PRO B 342 -20.19 41.66 -19.98
C PRO B 342 -20.40 42.97 -19.20
N GLY B 343 -20.13 42.98 -17.89
CA GLY B 343 -20.37 44.15 -17.05
C GLY B 343 -19.27 44.44 -16.02
N VAL B 344 -18.94 45.73 -15.90
CA VAL B 344 -17.93 46.20 -14.93
C VAL B 344 -18.39 47.48 -14.19
N VAL B 345 -18.33 47.46 -12.86
CA VAL B 345 -18.62 48.67 -12.08
C VAL B 345 -17.43 49.13 -11.29
N SER B 346 -17.38 50.44 -11.02
CA SER B 346 -16.46 51.06 -10.05
C SER B 346 -17.03 52.43 -9.67
N TRP B 347 -16.68 52.90 -8.47
CA TRP B 347 -17.13 54.21 -8.01
C TRP B 347 -15.96 55.08 -7.53
N SER B 348 -16.09 56.41 -7.63
CA SER B 348 -15.13 57.38 -7.07
C SER B 348 -15.82 58.74 -6.99
N PRO B 349 -15.49 59.60 -6.00
CA PRO B 349 -16.29 60.82 -5.82
C PRO B 349 -16.12 61.70 -7.02
N ALA B 350 -17.21 62.36 -7.41
CA ALA B 350 -17.26 63.14 -8.64
C ALA B 350 -16.11 64.16 -8.79
N ALA B 351 -15.65 64.76 -7.70
CA ALA B 351 -14.59 65.79 -7.76
C ALA B 351 -13.29 65.30 -7.13
N ALA B 352 -13.12 63.99 -7.06
CA ALA B 352 -12.07 63.35 -6.28
C ALA B 352 -10.65 63.89 -6.52
N GLY B 353 -10.28 64.09 -7.80
CA GLY B 353 -8.87 64.31 -8.12
C GLY B 353 -8.14 62.99 -8.36
N GLU B 354 -7.36 62.96 -9.44
CA GLU B 354 -6.97 61.72 -10.13
C GLU B 354 -6.39 60.57 -9.29
N LEU B 355 -5.61 60.87 -8.27
CA LEU B 355 -4.96 59.82 -7.50
C LEU B 355 -5.91 59.17 -6.49
N ASP B 356 -6.90 59.93 -6.05
CA ASP B 356 -7.94 59.41 -5.18
C ASP B 356 -8.95 58.61 -5.98
N SER B 357 -9.25 59.12 -7.17
CA SER B 357 -10.13 58.44 -8.12
C SER B 357 -9.59 57.06 -8.47
N HIS B 358 -8.29 56.94 -8.70
CA HIS B 358 -7.73 55.64 -8.99
C HIS B 358 -7.81 54.72 -7.80
N TRP B 359 -7.60 55.28 -6.61
CA TRP B 359 -7.63 54.47 -5.43
C TRP B 359 -9.05 54.00 -5.22
N PHE B 360 -10.00 54.93 -5.27
CA PHE B 360 -11.39 54.56 -5.04
C PHE B 360 -11.95 53.46 -5.96
N ARG B 361 -11.74 53.60 -7.26
CA ARG B 361 -12.18 52.64 -8.28
C ARG B 361 -11.54 51.29 -8.07
N GLU B 362 -10.27 51.27 -7.66
CA GLU B 362 -9.60 50.01 -7.33
C GLU B 362 -10.27 49.32 -6.14
N GLN B 363 -10.71 50.12 -5.18
CA GLN B 363 -11.31 49.62 -3.95
C GLN B 363 -12.70 49.06 -4.16
N THR B 364 -13.42 49.59 -5.16
CA THR B 364 -14.84 49.25 -5.35
C THR B 364 -15.14 48.52 -6.66
N GLY B 365 -14.12 48.36 -7.48
CA GLY B 365 -14.25 47.66 -8.73
C GLY B 365 -14.96 46.34 -8.56
N GLY B 366 -15.93 46.08 -9.44
CA GLY B 366 -16.58 44.78 -9.53
C GLY B 366 -16.74 44.37 -10.98
N ILE B 367 -16.67 43.06 -11.22
CA ILE B 367 -16.82 42.48 -12.54
C ILE B 367 -17.95 41.43 -12.52
N LEU B 368 -18.84 41.51 -13.50
CA LEU B 368 -19.87 40.51 -13.70
C LEU B 368 -19.42 39.47 -14.72
N ARG B 369 -19.23 38.24 -14.25
CA ARG B 369 -18.96 37.13 -15.14
C ARG B 369 -20.19 36.24 -15.37
N GLU B 370 -20.36 35.81 -16.63
CA GLU B 370 -21.41 34.90 -17.02
C GLU B 370 -21.43 33.73 -16.10
N ASN B 371 -22.59 33.37 -15.60
CA ASN B 371 -22.73 32.14 -14.88
C ASN B 371 -22.92 31.06 -15.93
N PHE B 372 -21.80 30.52 -16.43
CA PHE B 372 -21.85 29.47 -17.45
C PHE B 372 -22.70 28.23 -17.09
N CYS B 373 -22.92 27.99 -15.78
CA CYS B 373 -23.75 26.86 -15.33
C CYS B 373 -25.19 26.81 -15.86
N ARG B 374 -25.83 27.97 -16.04
CA ARG B 374 -27.16 27.91 -16.63
C ARG B 374 -27.07 27.39 -18.08
N ARG B 375 -25.96 27.72 -18.74
CA ARG B 375 -25.68 27.27 -20.10
C ARG B 375 -25.04 25.86 -20.20
N THR B 376 -24.43 25.38 -19.11
CA THR B 376 -23.68 24.08 -19.11
C THR B 376 -24.17 23.00 -18.11
N GLY B 377 -24.93 23.40 -17.10
CA GLY B 377 -25.41 22.48 -16.07
C GLY B 377 -24.37 22.34 -14.97
N ALA B 378 -24.77 22.74 -13.75
CA ALA B 378 -23.89 22.69 -12.60
C ALA B 378 -23.37 21.27 -12.39
N GLU B 379 -24.29 20.31 -12.40
CA GLU B 379 -23.96 18.87 -12.38
C GLU B 379 -22.88 18.43 -13.40
N ARG B 380 -22.70 19.18 -14.48
CA ARG B 380 -21.89 18.72 -15.61
C ARG B 380 -20.61 19.51 -15.76
N SER B 381 -20.37 20.44 -14.84
CA SER B 381 -19.25 21.34 -14.97
C SER B 381 -18.28 21.26 -13.77
N ILE B 382 -17.01 20.98 -14.06
CA ILE B 382 -15.99 20.76 -13.04
C ILE B 382 -14.76 21.60 -13.36
N MET B 383 -14.27 22.29 -12.34
CA MET B 383 -13.12 23.16 -12.48
C MET B 383 -11.90 22.28 -12.73
N ALA B 384 -11.06 22.64 -13.70
CA ALA B 384 -9.89 21.84 -14.07
C ALA B 384 -9.05 21.43 -12.85
N GLY B 385 -8.63 22.44 -12.08
CA GLY B 385 -7.78 22.23 -10.92
C GLY B 385 -8.25 21.13 -9.96
N THR B 386 -9.54 21.07 -9.68
CA THR B 386 -10.07 20.05 -8.78
C THR B 386 -10.21 18.70 -9.49
N LEU B 387 -10.62 18.71 -10.76
CA LEU B 387 -10.64 17.48 -11.52
C LEU B 387 -9.30 16.71 -11.44
N PHE B 388 -8.18 17.41 -11.45
CA PHE B 388 -6.89 16.74 -11.35
C PHE B 388 -6.26 16.89 -9.99
N ALA B 389 -7.08 17.18 -8.98
CA ALA B 389 -6.59 17.32 -7.61
C ALA B 389 -6.72 16.05 -6.82
N ARG B 390 -6.15 16.03 -5.63
CA ARG B 390 -6.28 14.86 -4.78
C ARG B 390 -7.37 15.11 -3.75
N GLY B 391 -8.06 14.04 -3.35
CA GLY B 391 -9.17 14.09 -2.39
C GLY B 391 -8.69 13.99 -0.95
N VAL B 392 -9.64 13.90 0.00
CA VAL B 392 -9.29 13.80 1.44
C VAL B 392 -8.46 12.55 1.82
N ASP B 393 -8.27 11.62 0.88
CA ASP B 393 -7.43 10.45 1.10
C ASP B 393 -6.11 10.54 0.29
N LEU B 394 -5.86 11.75 -0.23
CA LEU B 394 -4.70 12.05 -1.07
C LEU B 394 -4.52 11.09 -2.30
N GLN B 395 -5.63 10.52 -2.74
CA GLN B 395 -5.63 9.81 -3.99
C GLN B 395 -6.25 10.75 -4.98
N PRO B 396 -5.72 10.79 -6.22
CA PRO B 396 -6.36 11.49 -7.31
C PRO B 396 -7.85 11.12 -7.42
N MET B 397 -8.72 12.11 -7.41
CA MET B 397 -10.14 11.85 -7.46
C MET B 397 -10.59 11.38 -8.83
N ILE B 398 -9.87 11.80 -9.87
CA ILE B 398 -10.16 11.41 -11.25
C ILE B 398 -10.36 9.90 -11.38
N GLN B 399 -9.47 9.13 -10.74
CA GLN B 399 -9.49 7.66 -10.82
C GLN B 399 -10.87 7.07 -10.54
N THR B 400 -11.46 7.37 -9.37
CA THR B 400 -12.74 6.75 -9.00
C THR B 400 -13.89 7.34 -9.82
N PHE B 401 -13.85 8.65 -9.98
CA PHE B 401 -14.80 9.39 -10.81
C PHE B 401 -14.99 8.72 -12.18
N LEU B 402 -13.90 8.33 -12.85
CA LEU B 402 -14.00 7.75 -14.18
C LEU B 402 -14.51 6.32 -14.13
N ARG B 403 -14.03 5.59 -13.14
CA ARG B 403 -14.50 4.25 -12.89
C ARG B 403 -16.01 4.22 -12.74
N THR B 404 -16.56 5.19 -12.03
CA THR B 404 -18.00 5.16 -11.85
C THR B 404 -18.71 5.52 -13.15
N HIS B 405 -18.07 6.32 -14.00
CA HIS B 405 -18.70 6.71 -15.26
C HIS B 405 -18.59 5.68 -16.39
N TYR B 406 -17.47 4.96 -16.46
CA TYR B 406 -17.26 3.98 -17.52
C TYR B 406 -17.78 2.56 -17.23
N GLY B 407 -18.34 2.36 -16.04
CA GLY B 407 -18.91 1.06 -15.64
C GLY B 407 -17.89 0.02 -15.19
N GLU B 408 -16.61 0.31 -15.39
CA GLU B 408 -15.52 -0.67 -15.19
C GLU B 408 -14.23 0.07 -14.93
N ALA B 409 -13.27 -0.59 -14.28
CA ALA B 409 -11.92 -0.07 -14.21
C ALA B 409 -11.41 0.27 -15.62
N LEU B 410 -10.82 1.45 -15.78
CA LEU B 410 -10.22 1.84 -17.05
C LEU B 410 -8.88 1.16 -17.26
N ASP B 411 -8.73 0.57 -18.44
CA ASP B 411 -7.43 0.11 -18.91
C ASP B 411 -6.63 1.27 -19.48
N ASP B 412 -5.33 1.05 -19.63
CA ASP B 412 -4.42 1.95 -20.36
C ASP B 412 -5.10 2.62 -21.56
N ASN B 413 -5.72 1.82 -22.43
CA ASN B 413 -6.37 2.33 -23.65
C ASN B 413 -7.47 3.34 -23.42
N ALA B 414 -8.31 3.06 -22.42
CA ALA B 414 -9.43 3.94 -22.15
C ALA B 414 -8.90 5.23 -21.56
N LEU B 415 -7.88 5.12 -20.71
CA LEU B 415 -7.24 6.27 -20.12
C LEU B 415 -6.63 7.12 -21.23
N LEU B 416 -5.77 6.51 -22.06
CA LEU B 416 -5.13 7.19 -23.18
C LEU B 416 -6.10 8.00 -24.04
N TYR B 417 -7.24 7.34 -24.29
CA TYR B 417 -8.30 7.82 -25.17
C TYR B 417 -8.99 9.01 -24.49
N TRP B 418 -9.31 8.86 -23.21
CA TRP B 418 -9.84 9.96 -22.42
C TRP B 418 -8.93 11.18 -22.47
N PHE B 419 -7.62 10.99 -22.26
CA PHE B 419 -6.68 12.11 -22.26
C PHE B 419 -6.69 12.87 -23.58
N ASP B 420 -6.71 12.11 -24.65
CA ASP B 420 -6.64 12.65 -25.96
C ASP B 420 -7.81 13.60 -26.18
N ASP B 421 -8.99 13.17 -25.73
CA ASP B 421 -10.22 13.96 -25.88
C ASP B 421 -10.19 15.21 -25.02
N TYR B 422 -9.65 15.11 -23.82
CA TYR B 422 -9.49 16.25 -22.94
C TYR B 422 -8.53 17.26 -23.52
N GLN B 423 -7.28 16.83 -23.72
CA GLN B 423 -6.23 17.73 -24.24
C GLN B 423 -6.63 18.43 -25.56
N THR B 424 -7.25 17.71 -26.47
CA THR B 424 -7.72 18.34 -27.70
C THR B 424 -8.58 19.58 -27.44
N ARG B 425 -9.41 19.54 -26.39
CA ARG B 425 -10.40 20.59 -26.13
C ARG B 425 -9.86 21.78 -25.31
N LEU B 426 -8.59 21.69 -24.93
CA LEU B 426 -7.87 22.80 -24.32
C LEU B 426 -6.94 23.42 -25.37
N LEU B 427 -6.16 22.57 -26.06
CA LEU B 427 -5.11 23.04 -26.95
C LEU B 427 -5.66 23.82 -28.14
N ARG B 428 -6.64 23.21 -28.82
CA ARG B 428 -7.23 23.79 -30.01
C ARG B 428 -7.75 25.20 -29.79
N PRO B 429 -8.62 25.42 -28.77
CA PRO B 429 -9.09 26.80 -28.70
C PRO B 429 -7.97 27.80 -28.33
N VAL B 430 -7.09 27.43 -27.40
CA VAL B 430 -6.04 28.35 -26.93
C VAL B 430 -5.01 28.72 -27.99
N LEU B 431 -4.58 27.71 -28.74
CA LEU B 431 -3.56 27.87 -29.76
C LEU B 431 -4.15 28.55 -30.96
N SER B 432 -5.44 28.27 -31.18
CA SER B 432 -6.26 28.91 -32.22
C SER B 432 -6.46 30.39 -31.89
N LEU B 433 -6.57 30.69 -30.60
CA LEU B 433 -6.73 32.07 -30.18
C LEU B 433 -5.44 32.86 -30.44
N PHE B 434 -4.32 32.23 -30.10
CA PHE B 434 -3.06 32.91 -30.10
C PHE B 434 -2.52 33.18 -31.52
N PHE B 435 -2.35 32.13 -32.31
CA PHE B 435 -1.69 32.32 -33.60
C PHE B 435 -2.57 32.94 -34.68
N ASN B 436 -3.87 32.64 -34.61
CA ASN B 436 -4.86 33.19 -35.53
C ASN B 436 -5.13 34.66 -35.27
N HIS B 437 -5.32 35.00 -33.99
CA HIS B 437 -5.87 36.29 -33.61
C HIS B 437 -5.00 37.08 -32.62
N GLY B 438 -3.88 36.52 -32.16
CA GLY B 438 -2.99 37.21 -31.21
C GLY B 438 -3.61 37.43 -29.83
N VAL B 439 -4.58 36.59 -29.47
CA VAL B 439 -5.23 36.66 -28.17
C VAL B 439 -4.55 35.70 -27.22
N VAL B 440 -4.08 36.23 -26.11
CA VAL B 440 -3.36 35.45 -25.13
C VAL B 440 -4.26 35.16 -23.94
N MET B 441 -4.61 33.89 -23.80
CA MET B 441 -5.30 33.42 -22.62
C MET B 441 -4.31 33.10 -21.49
N GLU B 442 -4.86 32.72 -20.34
CA GLU B 442 -4.08 32.19 -19.26
C GLU B 442 -4.73 30.88 -18.76
N PRO B 443 -4.47 29.78 -19.51
CA PRO B 443 -5.15 28.51 -19.35
C PRO B 443 -4.58 27.63 -18.26
N HIS B 444 -4.31 28.19 -17.10
CA HIS B 444 -3.95 27.35 -15.95
C HIS B 444 -5.20 26.67 -15.39
N LEU B 445 -4.99 25.80 -14.41
CA LEU B 445 -6.02 24.98 -13.81
C LEU B 445 -7.18 25.78 -13.20
N GLN B 446 -6.88 26.91 -12.57
CA GLN B 446 -7.92 27.77 -11.96
C GLN B 446 -8.85 28.35 -13.08
N ASN B 447 -8.30 28.59 -14.28
CA ASN B 447 -9.05 29.21 -15.40
C ASN B 447 -9.65 28.26 -16.44
N SER B 448 -9.89 27.01 -16.08
CA SER B 448 -10.43 26.03 -17.01
C SER B 448 -11.56 25.27 -16.35
N VAL B 449 -12.59 24.95 -17.13
CA VAL B 449 -13.70 24.18 -16.63
C VAL B 449 -14.11 23.05 -17.58
N LEU B 450 -13.98 21.81 -17.12
CA LEU B 450 -14.42 20.69 -17.92
C LEU B 450 -15.94 20.59 -17.90
N VAL B 451 -16.49 20.53 -19.10
CA VAL B 451 -17.89 20.28 -19.34
C VAL B 451 -17.92 18.87 -19.88
N HIS B 452 -18.55 17.94 -19.14
CA HIS B 452 -18.52 16.52 -19.50
C HIS B 452 -19.93 15.92 -19.59
N GLN B 453 -20.06 14.83 -20.36
CA GLN B 453 -21.29 14.02 -20.44
C GLN B 453 -20.97 12.57 -20.04
N GLN B 454 -21.54 12.17 -18.89
CA GLN B 454 -21.21 10.88 -18.25
C GLN B 454 -19.72 10.58 -18.28
N GLY B 455 -18.92 11.58 -17.93
CA GLY B 455 -17.50 11.43 -17.86
C GLY B 455 -16.80 11.88 -19.13
N ARG B 456 -17.51 11.87 -20.25
CA ARG B 456 -16.88 12.18 -21.51
C ARG B 456 -16.70 13.67 -21.78
N PRO B 457 -15.46 14.10 -22.07
CA PRO B 457 -15.08 15.48 -22.30
C PRO B 457 -15.85 16.06 -23.46
N GLN B 458 -16.54 17.18 -23.21
CA GLN B 458 -17.27 17.92 -24.23
C GLN B 458 -16.57 19.25 -24.52
N GLN B 459 -16.37 20.08 -23.49
CA GLN B 459 -15.64 21.33 -23.62
C GLN B 459 -14.84 21.65 -22.40
N VAL B 460 -13.81 22.45 -22.64
CA VAL B 460 -12.99 22.99 -21.60
C VAL B 460 -13.21 24.49 -21.65
N LEU B 461 -14.15 24.95 -20.85
CA LEU B 461 -14.52 26.35 -20.84
C LEU B 461 -13.39 27.14 -20.25
N LEU B 462 -13.07 28.28 -20.87
CA LEU B 462 -11.98 29.14 -20.38
C LEU B 462 -12.55 30.42 -19.78
N ARG B 463 -11.89 30.92 -18.74
CA ARG B 463 -12.38 32.10 -18.02
C ARG B 463 -11.28 33.09 -17.65
N ASP B 464 -11.71 34.21 -17.06
CA ASP B 464 -10.81 35.25 -16.51
C ASP B 464 -10.23 36.17 -17.58
N PHE B 465 -11.04 37.13 -18.02
CA PHE B 465 -10.57 38.14 -18.97
C PHE B 465 -9.50 39.09 -18.40
N GLU B 466 -9.35 39.13 -17.07
CA GLU B 466 -8.34 40.01 -16.45
C GLU B 466 -6.92 39.62 -16.84
N GLY B 467 -6.65 38.32 -16.94
CA GLY B 467 -5.35 37.88 -17.41
C GLY B 467 -5.16 38.00 -18.91
N VAL B 468 -6.24 38.19 -19.67
CA VAL B 468 -6.17 38.14 -21.14
C VAL B 468 -5.26 39.25 -21.65
N LYS B 469 -4.44 38.93 -22.65
CA LYS B 469 -3.47 39.86 -23.22
C LYS B 469 -3.43 39.82 -24.74
N LEU B 470 -3.01 40.91 -25.36
CA LEU B 470 -3.05 41.01 -26.83
C LEU B 470 -1.68 41.32 -27.40
N THR B 471 -1.26 40.47 -28.32
CA THR B 471 0.09 40.55 -28.91
C THR B 471 0.36 41.88 -29.62
N ASP B 472 1.61 42.35 -29.51
CA ASP B 472 2.02 43.61 -30.14
C ASP B 472 2.02 43.60 -31.69
N ASP B 473 2.05 42.39 -32.27
CA ASP B 473 2.19 42.21 -33.71
C ASP B 473 0.88 41.82 -34.42
N LEU B 474 -0.13 41.38 -33.68
CA LEU B 474 -1.37 40.93 -34.30
C LEU B 474 -2.62 41.29 -33.47
N GLY B 475 -2.61 40.89 -32.19
CA GLY B 475 -3.72 41.17 -31.25
C GLY B 475 -4.02 42.65 -31.02
N ILE B 476 -2.98 43.47 -31.16
CA ILE B 476 -3.11 44.93 -31.12
C ILE B 476 -4.27 45.45 -31.98
N ARG B 477 -4.33 45.03 -33.26
CA ARG B 477 -5.24 45.66 -34.23
C ARG B 477 -6.68 45.75 -33.75
N TYR B 478 -7.08 44.80 -32.91
CA TYR B 478 -8.44 44.75 -32.41
C TYR B 478 -8.74 45.90 -31.45
N ILE B 479 -7.69 46.41 -30.80
CA ILE B 479 -7.79 47.59 -29.95
C ILE B 479 -7.87 48.87 -30.77
N ASP B 480 -8.87 49.69 -30.44
CA ASP B 480 -9.04 51.01 -31.03
C ASP B 480 -7.97 52.01 -30.61
N ASP B 481 -7.74 52.97 -31.49
CA ASP B 481 -6.89 54.12 -31.22
C ASP B 481 -7.51 55.17 -30.28
N ASP B 482 -8.82 55.14 -30.07
CA ASP B 482 -9.42 56.00 -29.06
C ASP B 482 -9.47 55.32 -27.67
N ILE B 483 -8.65 54.28 -27.50
CA ILE B 483 -8.52 53.61 -26.22
C ILE B 483 -7.45 54.34 -25.42
N HIS B 484 -7.72 54.52 -24.13
CA HIS B 484 -6.80 55.20 -23.22
C HIS B 484 -5.44 54.47 -23.17
N PRO B 485 -4.31 55.23 -23.33
CA PRO B 485 -2.96 54.63 -23.38
C PRO B 485 -2.64 53.65 -22.23
N ARG B 486 -3.28 53.85 -21.09
CA ARG B 486 -2.99 53.07 -19.89
C ARG B 486 -3.70 51.71 -19.97
N VAL B 487 -4.97 51.73 -20.38
CA VAL B 487 -5.73 50.53 -20.74
C VAL B 487 -5.02 49.73 -21.84
N ARG B 488 -4.48 50.44 -22.84
CA ARG B 488 -3.75 49.86 -23.97
C ARG B 488 -2.47 49.15 -23.54
N GLN B 489 -1.69 49.84 -22.71
CA GLN B 489 -0.48 49.31 -22.15
C GLN B 489 -0.75 48.07 -21.28
N SER B 490 -1.74 48.14 -20.38
CA SER B 490 -2.16 47.00 -19.55
C SER B 490 -2.48 45.72 -20.33
N LEU B 491 -3.16 45.85 -21.47
CA LEU B 491 -3.46 44.71 -22.35
C LEU B 491 -2.28 44.21 -23.19
N LEU B 492 -1.30 45.10 -23.41
CA LEU B 492 -0.28 44.88 -24.41
C LEU B 492 0.78 43.89 -23.95
N TYR B 493 1.15 43.00 -24.87
CA TYR B 493 2.13 41.96 -24.64
C TYR B 493 3.01 41.78 -25.86
N SER B 494 4.28 41.45 -25.64
CA SER B 494 5.12 41.05 -26.77
C SER B 494 4.78 39.61 -27.11
N ARG B 495 4.95 39.26 -28.38
CA ARG B 495 4.71 37.89 -28.83
C ARG B 495 5.46 36.87 -27.94
N GLU B 496 6.70 37.19 -27.59
CA GLU B 496 7.53 36.33 -26.73
C GLU B 496 6.87 36.08 -25.38
N GLN B 497 6.41 37.15 -24.74
CA GLN B 497 5.79 37.06 -23.45
C GLN B 497 4.56 36.18 -23.50
N GLY B 498 3.71 36.44 -24.48
CA GLY B 498 2.49 35.71 -24.68
C GLY B 498 2.79 34.24 -24.73
N TRP B 499 3.70 33.86 -25.63
CA TRP B 499 4.07 32.46 -25.82
C TRP B 499 4.69 31.80 -24.57
N ASN B 500 5.49 32.56 -23.83
CA ASN B 500 5.99 32.11 -22.55
C ASN B 500 4.88 31.74 -21.57
N ARG B 501 3.88 32.60 -21.43
CA ARG B 501 2.83 32.34 -20.46
C ARG B 501 2.00 31.14 -20.85
N ILE B 502 1.61 31.09 -22.11
CA ILE B 502 0.82 30.00 -22.67
C ILE B 502 1.56 28.67 -22.51
N MET B 503 2.89 28.68 -22.74
CA MET B 503 3.73 27.51 -22.51
C MET B 503 3.62 27.02 -21.07
N TYR B 504 3.86 27.92 -20.13
CA TYR B 504 3.77 27.53 -18.75
C TYR B 504 2.42 26.93 -18.46
N CYS B 505 1.36 27.65 -18.84
CA CYS B 505 -0.02 27.30 -18.46
C CYS B 505 -0.44 25.94 -19.02
N LEU B 506 -0.24 25.74 -20.32
CA LEU B 506 -0.71 24.55 -21.01
C LEU B 506 0.02 23.31 -20.54
N PHE B 507 1.33 23.38 -20.50
CA PHE B 507 2.06 22.14 -20.35
C PHE B 507 2.46 21.78 -18.93
N ILE B 508 2.96 22.77 -18.20
CA ILE B 508 3.54 22.55 -16.89
C ILE B 508 2.50 22.74 -15.80
N ASN B 509 1.78 23.86 -15.84
CA ASN B 509 0.77 24.11 -14.85
C ASN B 509 -0.44 23.16 -15.03
N HIS B 510 -0.84 22.97 -16.27
CA HIS B 510 -2.09 22.27 -16.56
C HIS B 510 -1.88 20.79 -16.91
N LEU B 511 -1.46 20.52 -18.14
CA LEU B 511 -1.43 19.14 -18.64
C LEU B 511 -0.51 18.23 -17.85
N SER B 512 0.57 18.80 -17.29
CA SER B 512 1.48 17.98 -16.50
C SER B 512 0.74 17.43 -15.29
N GLU B 513 -0.14 18.25 -14.72
CA GLU B 513 -1.01 17.83 -13.65
C GLU B 513 -2.01 16.81 -14.11
N THR B 514 -2.58 17.01 -15.30
CA THR B 514 -3.54 16.04 -15.85
C THR B 514 -2.92 14.65 -15.99
N ILE B 515 -1.77 14.59 -16.66
CA ILE B 515 -1.03 13.33 -16.77
C ILE B 515 -0.73 12.67 -15.42
N LEU B 516 -0.11 13.41 -14.51
CA LEU B 516 0.25 12.84 -13.22
C LEU B 516 -0.96 12.26 -12.52
N ALA B 517 -2.10 12.93 -12.58
CA ALA B 517 -3.30 12.42 -11.92
C ALA B 517 -3.82 11.18 -12.63
N LEU B 518 -3.96 11.23 -13.96
CA LEU B 518 -4.45 10.04 -14.70
C LEU B 518 -3.56 8.83 -14.53
N SER B 519 -2.25 9.07 -14.45
CA SER B 519 -1.20 8.03 -14.57
C SER B 519 -0.67 7.54 -13.23
N GLN B 520 -1.30 7.98 -12.15
CA GLN B 520 -0.93 7.53 -10.82
C GLN B 520 -1.03 6.03 -10.80
N GLY B 521 0.04 5.39 -10.36
CA GLY B 521 0.05 3.94 -10.25
C GLY B 521 0.44 3.26 -11.55
N ARG B 522 0.38 4.00 -12.65
CA ARG B 522 0.65 3.43 -13.97
C ARG B 522 1.52 4.39 -14.75
N PRO B 523 2.73 4.64 -14.25
CA PRO B 523 3.62 5.71 -14.68
C PRO B 523 4.17 5.53 -16.09
N GLN B 524 3.95 4.36 -16.67
CA GLN B 524 4.41 4.11 -18.03
C GLN B 524 3.53 4.80 -19.08
N LEU B 525 2.38 5.32 -18.65
CA LEU B 525 1.47 6.03 -19.55
C LEU B 525 1.96 7.40 -19.89
N ALA B 526 2.68 8.01 -18.95
CA ALA B 526 3.16 9.36 -19.11
C ALA B 526 3.87 9.61 -20.45
N PRO B 527 4.88 8.80 -20.76
CA PRO B 527 5.56 9.08 -22.02
C PRO B 527 4.59 9.06 -23.19
N LEU B 528 3.63 8.12 -23.14
CA LEU B 528 2.65 7.92 -24.23
C LEU B 528 1.70 9.09 -24.33
N MET B 529 1.31 9.65 -23.19
CA MET B 529 0.41 10.78 -23.19
C MET B 529 1.07 12.04 -23.73
N TRP B 530 2.35 12.23 -23.43
CA TRP B 530 3.08 13.40 -23.91
C TRP B 530 3.35 13.28 -25.39
N ARG B 531 3.56 12.05 -25.83
CA ARG B 531 3.70 11.71 -27.25
C ARG B 531 2.45 12.12 -28.01
N ARG B 532 1.31 11.82 -27.41
CA ARG B 532 0.01 12.20 -27.95
C ARG B 532 -0.09 13.72 -28.04
N VAL B 533 0.48 14.42 -27.05
CA VAL B 533 0.38 15.88 -27.04
C VAL B 533 1.22 16.46 -28.14
N GLN B 534 2.39 15.86 -28.38
CA GLN B 534 3.23 16.28 -29.47
C GLN B 534 2.51 16.11 -30.82
N GLN B 535 1.95 14.91 -31.01
CA GLN B 535 1.23 14.58 -32.24
C GLN B 535 0.12 15.58 -32.45
N GLN B 536 -0.61 15.87 -31.37
CA GLN B 536 -1.76 16.78 -31.38
C GLN B 536 -1.35 18.23 -31.63
N LEU B 537 -0.11 18.58 -31.27
CA LEU B 537 0.41 19.89 -31.63
C LEU B 537 0.72 20.00 -33.12
N ARG B 538 1.29 18.95 -33.71
CA ARG B 538 1.51 18.93 -35.16
C ARG B 538 0.20 19.07 -35.93
N ALA B 539 -0.86 18.46 -35.38
CA ALA B 539 -2.19 18.50 -35.99
C ALA B 539 -2.75 19.92 -36.02
N ILE B 540 -2.87 20.55 -34.85
CA ILE B 540 -3.43 21.91 -34.73
C ILE B 540 -2.68 22.92 -35.57
N GLN B 541 -1.35 22.85 -35.55
CA GLN B 541 -0.50 23.64 -36.42
C GLN B 541 -1.06 23.71 -37.85
N GLY B 542 -1.17 22.55 -38.51
CA GLY B 542 -1.68 22.43 -39.87
C GLY B 542 -3.12 22.84 -40.08
N GLU B 543 -3.78 23.23 -38.99
CA GLU B 543 -5.15 23.77 -39.00
C GLU B 543 -5.10 25.29 -39.03
N LEU B 544 -3.92 25.87 -38.78
CA LEU B 544 -3.87 27.31 -38.51
C LEU B 544 -3.68 28.22 -39.74
N LYS B 545 -4.15 29.44 -39.57
CA LYS B 545 -4.18 30.41 -40.64
C LYS B 545 -3.02 31.42 -40.61
N GLN B 546 -2.10 31.27 -39.66
CA GLN B 546 -0.94 32.17 -39.52
C GLN B 546 0.33 31.39 -39.15
N PRO B 547 1.50 31.85 -39.65
CA PRO B 547 2.79 31.27 -39.26
C PRO B 547 2.85 30.97 -37.75
N SER B 548 3.51 29.88 -37.37
CA SER B 548 3.68 29.58 -35.95
C SER B 548 5.08 28.98 -35.63
N PRO B 549 6.17 29.75 -35.87
CA PRO B 549 7.50 29.20 -35.57
C PRO B 549 7.64 28.74 -34.12
N GLU B 550 7.01 29.42 -33.17
CA GLU B 550 7.09 29.02 -31.75
C GLU B 550 6.52 27.61 -31.52
N LEU B 551 5.62 27.19 -32.40
CA LEU B 551 5.05 25.87 -32.30
C LEU B 551 6.00 24.81 -32.86
N ASP B 552 6.63 25.09 -34.01
CA ASP B 552 7.64 24.17 -34.55
C ASP B 552 8.74 23.93 -33.51
N ALA B 553 9.20 25.03 -32.91
CA ALA B 553 10.18 25.02 -31.83
C ALA B 553 9.78 24.08 -30.70
N LEU B 554 8.56 24.26 -30.18
CA LEU B 554 8.09 23.41 -29.09
C LEU B 554 8.03 21.95 -29.49
N ILE B 555 7.39 21.67 -30.64
CA ILE B 555 7.30 20.31 -31.15
C ILE B 555 8.71 19.71 -31.28
N ALA B 556 9.63 20.51 -31.84
CA ALA B 556 11.06 20.14 -31.97
C ALA B 556 11.74 19.71 -30.66
N GLY B 557 11.15 20.11 -29.53
CA GLY B 557 11.62 19.66 -28.23
C GLY B 557 12.58 20.59 -27.51
N HIS B 558 12.53 21.88 -27.81
CA HIS B 558 13.27 22.90 -27.06
C HIS B 558 12.67 23.01 -25.62
N PRO B 559 13.47 23.49 -24.62
CA PRO B 559 12.98 23.67 -23.23
C PRO B 559 11.74 24.55 -23.07
N VAL B 560 10.98 24.26 -22.03
CA VAL B 560 9.66 24.86 -21.77
C VAL B 560 9.75 25.82 -20.60
N ALA B 561 9.15 27.00 -20.74
CA ALA B 561 9.12 28.03 -19.69
C ALA B 561 8.31 27.62 -18.46
N CYS B 562 8.89 27.88 -17.29
CA CYS B 562 8.28 27.53 -16.02
C CYS B 562 8.28 28.69 -15.01
N LYS B 563 7.08 29.20 -14.72
CA LYS B 563 6.93 30.32 -13.80
C LYS B 563 7.12 29.85 -12.38
N THR B 564 7.84 30.62 -11.58
CA THR B 564 8.22 30.18 -10.23
C THR B 564 7.26 30.68 -9.13
N ASN B 565 7.10 29.91 -8.08
CA ASN B 565 6.23 30.27 -6.96
C ASN B 565 7.00 30.43 -5.66
N LEU B 566 8.12 29.73 -5.56
CA LEU B 566 9.04 29.85 -4.42
C LEU B 566 10.17 30.84 -4.70
N LYS B 567 10.85 30.68 -5.84
CA LYS B 567 12.01 31.47 -6.20
C LYS B 567 11.69 32.95 -6.28
N VAL B 568 10.49 33.28 -6.79
CA VAL B 568 10.10 34.66 -6.93
C VAL B 568 10.00 35.35 -5.57
N ARG B 569 9.59 34.61 -4.55
CA ARG B 569 9.43 35.17 -3.22
C ARG B 569 10.73 35.32 -2.44
N LEU B 570 11.76 34.61 -2.86
CA LEU B 570 13.09 34.83 -2.32
C LEU B 570 13.96 35.66 -3.27
N ALA B 571 13.39 36.57 -4.04
CA ALA B 571 14.21 37.36 -4.96
C ALA B 571 13.84 38.85 -4.89
N ALA B 572 14.70 39.71 -5.45
CA ALA B 572 14.49 41.17 -5.37
C ALA B 572 13.60 41.66 -6.51
N GLN B 577 14.91 37.88 -13.44
CA GLN B 577 15.01 36.52 -13.97
C GLN B 577 14.18 35.54 -13.13
N ALA B 578 13.93 35.90 -11.87
CA ALA B 578 13.47 34.95 -10.86
C ALA B 578 12.05 34.38 -11.01
N SER B 579 11.19 35.09 -11.76
CA SER B 579 9.81 34.68 -11.99
C SER B 579 9.74 33.41 -12.82
N TYR B 580 10.85 33.10 -13.51
CA TYR B 580 10.87 32.04 -14.53
C TYR B 580 12.15 31.21 -14.58
N VAL B 581 12.02 29.93 -14.91
CA VAL B 581 13.16 29.08 -15.27
C VAL B 581 12.78 28.29 -16.51
N ARG B 582 13.69 27.43 -16.99
CA ARG B 582 13.39 26.56 -18.14
C ARG B 582 13.47 25.13 -17.69
N LEU B 583 12.50 24.31 -18.10
CA LEU B 583 12.59 22.87 -17.87
C LEU B 583 12.63 22.10 -19.20
N PRO B 584 13.46 21.03 -19.29
CA PRO B 584 13.63 20.24 -20.51
C PRO B 584 12.33 19.56 -20.99
N SER B 585 12.19 19.41 -22.32
CA SER B 585 10.99 18.82 -22.92
C SER B 585 10.92 17.30 -22.70
N PRO B 586 9.68 16.76 -22.55
CA PRO B 586 9.53 15.32 -22.51
C PRO B 586 9.32 14.70 -23.91
N TRP B 587 10.21 15.02 -24.85
CA TRP B 587 10.23 14.35 -26.16
C TRP B 587 11.43 14.75 -27.03
CAC FLC C . -10.97 34.18 -11.53
CA FLC C . -9.54 33.80 -11.09
CB FLC C . -8.50 34.82 -10.60
CBC FLC C . -9.03 35.57 -9.44
CG FLC C . -7.26 34.06 -10.16
CGC FLC C . -6.08 34.32 -11.06
OA1 FLC C . -11.56 35.17 -11.06
OA2 FLC C . -11.46 33.37 -12.35
OB1 FLC C . -8.59 35.29 -8.30
OB2 FLC C . -9.85 36.43 -9.71
OG1 FLC C . -4.99 34.56 -10.50
OG2 FLC C . -6.26 34.27 -12.30
OHB FLC C . -8.14 35.84 -11.54
#